data_5E8R
#
_entry.id   5E8R
#
_cell.length_a   100.244
_cell.length_b   100.244
_cell.length_c   89.868
_cell.angle_alpha   90.000
_cell.angle_beta   90.000
_cell.angle_gamma   90.000
#
_symmetry.space_group_name_H-M   'P 43'
#
loop_
_entity.id
_entity.type
_entity.pdbx_description
1 polymer 'Protein arginine N-methyltransferase 6'
2 non-polymer S-ADENOSYL-L-HOMOCYSTEINE
3 non-polymer N-methyl-N-({4-[4-(propan-2-yloxy)phenyl]-1H-pyrrol-3-yl}methyl)ethane-1,2-diamine
4 non-polymer 'CHLORIDE ION'
5 non-polymer 'UNKNOWN ATOM OR ION'
6 water water
#
_entity_poly.entity_id   1
_entity_poly.type   'polypeptide(L)'
_entity_poly.pdbx_seq_one_letter_code
;GMSQPKKRKLESGGGGEGGEGTEEEDGAEREAALERPRRTKRERDQLYYECYSDVSVHEEMIADRVRTDAYRLGILRNWA
ALRGKTVLDVGAGTGILSIFCAQAGARRVYAVEASAIWQQAREVVRFNGLEDRVHVLPGPVETVELPEQVDAIVSEWMGY
GLLHESMLSSVLHARTKWLKEGGLLLPASAELFIVPISDQMLEWRLGFWSQVKQHYGVDMSCLEGFATRCLMGHSEIVVQ
GLSGEDVLARPQRFAQLELSRAGLEQELEAGVGGRFRCSCYGSAPMHGFAIWFQVTFPGGESEKPLVLSTSPFHPATHWK
QALLYLNEPVQVEQDTDVSGEITLLPSRDNPRRLRVLLRYKVGDQEEKTKDFAMED
;
_entity_poly.pdbx_strand_id   A,B
#
loop_
_chem_comp.id
_chem_comp.type
_chem_comp.name
_chem_comp.formula
5L6 non-polymer N-methyl-N-({4-[4-(propan-2-yloxy)phenyl]-1H-pyrrol-3-yl}methyl)ethane-1,2-diamine 'C17 H25 N3 O'
CL non-polymer 'CHLORIDE ION' 'Cl -1'
UNX non-polymer 'UNKNOWN ATOM OR ION' ?
#
# COMPACT_ATOMS: atom_id res chain seq x y z
N GLU A 43 2.18 -23.90 -12.62
CA GLU A 43 1.37 -22.75 -13.10
C GLU A 43 1.03 -21.80 -11.96
N ARG A 44 0.54 -22.35 -10.85
CA ARG A 44 0.27 -21.58 -9.63
C ARG A 44 1.57 -21.08 -8.98
N ASP A 45 2.58 -21.95 -8.95
CA ASP A 45 3.91 -21.59 -8.43
C ASP A 45 4.65 -20.55 -9.28
N GLN A 46 4.36 -20.46 -10.58
CA GLN A 46 4.99 -19.47 -11.47
C GLN A 46 4.58 -18.02 -11.16
N LEU A 47 3.32 -17.82 -10.76
CA LEU A 47 2.84 -16.49 -10.35
C LEU A 47 3.50 -15.99 -9.06
N TYR A 48 3.77 -16.93 -8.15
CA TYR A 48 4.47 -16.62 -6.88
C TYR A 48 5.92 -16.16 -7.13
N TYR A 49 6.67 -16.92 -7.94
CA TYR A 49 8.06 -16.57 -8.28
C TYR A 49 8.16 -15.20 -8.93
N GLU A 50 7.24 -14.88 -9.85
CA GLU A 50 7.18 -13.57 -10.52
C GLU A 50 7.17 -12.36 -9.56
N CYS A 51 6.60 -12.52 -8.38
CA CYS A 51 6.64 -11.47 -7.33
C CYS A 51 8.07 -11.06 -6.93
N TYR A 52 8.99 -12.03 -6.97
CA TYR A 52 10.41 -11.77 -6.69
C TYR A 52 11.24 -11.36 -7.92
N SER A 53 10.60 -11.14 -9.07
CA SER A 53 11.29 -10.62 -10.24
C SER A 53 11.51 -9.11 -10.18
N ASP A 54 10.67 -8.37 -9.44
CA ASP A 54 10.83 -6.91 -9.32
C ASP A 54 11.91 -6.55 -8.29
N VAL A 55 12.51 -5.39 -8.46
CA VAL A 55 13.55 -4.88 -7.55
C VAL A 55 13.05 -4.52 -6.14
N SER A 56 11.82 -4.02 -6.03
CA SER A 56 11.33 -3.44 -4.77
C SER A 56 11.36 -4.40 -3.58
N VAL A 57 11.00 -5.66 -3.83
CA VAL A 57 11.00 -6.68 -2.79
C VAL A 57 12.41 -6.99 -2.24
N HIS A 58 13.42 -6.94 -3.10
CA HIS A 58 14.81 -7.19 -2.69
C HIS A 58 15.45 -5.98 -2.03
N GLU A 59 15.09 -4.80 -2.50
CA GLU A 59 15.46 -3.54 -1.85
C GLU A 59 14.98 -3.57 -0.39
N GLU A 60 13.71 -3.93 -0.18
CA GLU A 60 13.14 -4.01 1.15
C GLU A 60 13.84 -5.02 2.08
N MET A 61 14.24 -6.17 1.54
CA MET A 61 14.91 -7.20 2.35
C MET A 61 16.35 -6.85 2.72
N ILE A 62 17.10 -6.33 1.76
CA ILE A 62 18.49 -5.90 1.99
C ILE A 62 18.54 -4.65 2.87
N ALA A 63 17.56 -3.76 2.72
CA ALA A 63 17.46 -2.56 3.56
C ALA A 63 17.11 -2.89 5.03
N ASP A 64 16.47 -4.03 5.26
CA ASP A 64 16.28 -4.56 6.62
C ASP A 64 17.65 -4.95 7.19
N ARG A 65 18.27 -4.02 7.91
CA ARG A 65 19.61 -4.23 8.44
CA ARG A 65 19.61 -4.21 8.45
C ARG A 65 19.65 -5.27 9.54
N VAL A 66 18.57 -5.36 10.33
CA VAL A 66 18.50 -6.35 11.40
C VAL A 66 18.54 -7.76 10.79
N ARG A 67 17.73 -7.97 9.75
CA ARG A 67 17.68 -9.24 9.02
C ARG A 67 19.02 -9.57 8.41
N THR A 68 19.53 -8.65 7.59
CA THR A 68 20.73 -8.91 6.78
C THR A 68 22.00 -9.02 7.63
N ASP A 69 22.14 -8.17 8.67
CA ASP A 69 23.26 -8.31 9.62
C ASP A 69 23.21 -9.61 10.40
N ALA A 70 22.02 -10.09 10.74
CA ALA A 70 21.86 -11.36 11.47
C ALA A 70 22.29 -12.54 10.60
N TYR A 71 21.90 -12.51 9.33
CA TYR A 71 22.35 -13.51 8.36
C TYR A 71 23.85 -13.40 8.08
N ARG A 72 24.37 -12.18 7.96
CA ARG A 72 25.81 -11.99 7.78
C ARG A 72 26.57 -12.55 8.98
N LEU A 73 26.17 -12.11 10.17
CA LEU A 73 26.87 -12.48 11.40
C LEU A 73 26.68 -13.94 11.75
N GLY A 74 25.50 -14.49 11.45
CA GLY A 74 25.22 -15.91 11.65
C GLY A 74 26.09 -16.83 10.81
N ILE A 75 26.28 -16.45 9.54
CA ILE A 75 27.18 -17.15 8.62
C ILE A 75 28.64 -17.00 9.07
N LEU A 76 29.04 -15.77 9.44
CA LEU A 76 30.41 -15.50 9.93
C LEU A 76 30.79 -16.29 11.18
N ARG A 77 29.84 -16.49 12.09
CA ARG A 77 30.10 -17.28 13.31
C ARG A 77 30.55 -18.71 13.02
N ASN A 78 30.05 -19.29 11.93
CA ASN A 78 30.38 -20.65 11.53
C ASN A 78 31.44 -20.71 10.41
N TRP A 79 32.39 -19.77 10.41
CA TRP A 79 33.47 -19.76 9.41
C TRP A 79 34.35 -21.01 9.49
N ALA A 80 34.58 -21.49 10.71
CA ALA A 80 35.37 -22.70 10.96
C ALA A 80 34.75 -23.92 10.29
N ALA A 81 33.46 -24.13 10.54
CA ALA A 81 32.74 -25.26 9.94
C ALA A 81 32.56 -25.13 8.42
N LEU A 82 32.56 -23.91 7.88
CA LEU A 82 32.38 -23.66 6.43
C LEU A 82 33.65 -23.56 5.56
N ARG A 83 34.83 -23.32 6.16
CA ARG A 83 36.07 -23.15 5.38
CA ARG A 83 36.06 -23.14 5.37
C ARG A 83 36.40 -24.40 4.56
N GLY A 84 36.49 -24.24 3.24
CA GLY A 84 36.74 -25.35 2.33
C GLY A 84 35.57 -26.29 2.10
N LYS A 85 34.37 -25.90 2.55
CA LYS A 85 33.16 -26.72 2.43
C LYS A 85 32.23 -26.14 1.36
N THR A 86 31.23 -26.94 0.97
CA THR A 86 30.25 -26.53 -0.03
C THR A 86 28.91 -26.21 0.63
N VAL A 87 28.20 -25.23 0.05
CA VAL A 87 26.97 -24.69 0.62
C VAL A 87 25.89 -24.60 -0.45
N LEU A 88 24.66 -24.91 -0.07
CA LEU A 88 23.48 -24.62 -0.91
C LEU A 88 22.74 -23.40 -0.37
N ASP A 89 22.53 -22.39 -1.22
CA ASP A 89 21.70 -21.21 -0.89
C ASP A 89 20.35 -21.35 -1.60
N VAL A 90 19.34 -21.77 -0.85
CA VAL A 90 17.99 -21.96 -1.37
C VAL A 90 17.29 -20.60 -1.37
N GLY A 91 16.92 -20.12 -2.55
CA GLY A 91 16.28 -18.83 -2.68
C GLY A 91 17.29 -17.73 -2.62
N ALA A 92 18.24 -17.77 -3.55
CA ALA A 92 19.38 -16.86 -3.59
C ALA A 92 19.06 -15.38 -3.82
N GLY A 93 17.91 -15.10 -4.44
CA GLY A 93 17.46 -13.74 -4.70
C GLY A 93 18.50 -13.01 -5.53
N THR A 94 18.96 -11.87 -5.02
CA THR A 94 20.03 -11.10 -5.63
C THR A 94 21.45 -11.68 -5.36
N GLY A 95 21.54 -12.69 -4.50
CA GLY A 95 22.80 -13.43 -4.28
C GLY A 95 23.61 -12.99 -3.07
N ILE A 96 23.07 -12.04 -2.28
CA ILE A 96 23.81 -11.47 -1.15
C ILE A 96 24.22 -12.51 -0.09
N LEU A 97 23.34 -13.47 0.21
CA LEU A 97 23.63 -14.51 1.22
C LEU A 97 24.68 -15.53 0.74
N SER A 98 24.66 -15.83 -0.55
CA SER A 98 25.67 -16.70 -1.16
C SER A 98 27.06 -16.08 -1.06
N ILE A 99 27.13 -14.77 -1.26
CA ILE A 99 28.40 -14.05 -1.22
C ILE A 99 28.92 -13.92 0.21
N PHE A 100 28.03 -13.90 1.19
CA PHE A 100 28.44 -14.00 2.60
C PHE A 100 29.11 -15.34 2.91
N CYS A 101 28.58 -16.42 2.31
CA CYS A 101 29.15 -17.77 2.48
C CYS A 101 30.50 -17.92 1.80
N ALA A 102 30.65 -17.33 0.62
CA ALA A 102 31.94 -17.27 -0.08
C ALA A 102 32.96 -16.43 0.69
N GLN A 103 32.52 -15.30 1.23
CA GLN A 103 33.37 -14.46 2.08
C GLN A 103 33.79 -15.16 3.39
N ALA A 104 32.90 -16.00 3.93
CA ALA A 104 33.19 -16.82 5.12
C ALA A 104 34.19 -17.97 4.90
N GLY A 105 34.49 -18.30 3.64
CA GLY A 105 35.53 -19.28 3.30
C GLY A 105 35.07 -20.53 2.56
N ALA A 106 33.78 -20.66 2.29
CA ALA A 106 33.26 -21.78 1.50
C ALA A 106 33.93 -21.82 0.11
N ARG A 107 34.43 -22.99 -0.29
CA ARG A 107 35.10 -23.12 -1.59
C ARG A 107 34.10 -23.12 -2.75
N ARG A 108 32.87 -23.53 -2.47
CA ARG A 108 31.84 -23.63 -3.50
C ARG A 108 30.45 -23.33 -2.92
N VAL A 109 29.69 -22.48 -3.61
CA VAL A 109 28.32 -22.13 -3.22
C VAL A 109 27.41 -22.30 -4.43
N TYR A 110 26.35 -23.09 -4.28
CA TYR A 110 25.34 -23.25 -5.31
C TYR A 110 24.16 -22.38 -4.95
N ALA A 111 23.90 -21.37 -5.76
CA ALA A 111 22.86 -20.36 -5.48
C ALA A 111 21.64 -20.64 -6.34
N VAL A 112 20.61 -21.22 -5.72
CA VAL A 112 19.42 -21.67 -6.44
C VAL A 112 18.31 -20.63 -6.31
N GLU A 113 17.76 -20.23 -7.46
CA GLU A 113 16.77 -19.18 -7.52
C GLU A 113 15.78 -19.42 -8.66
N ALA A 114 14.50 -19.54 -8.32
CA ALA A 114 13.46 -19.92 -9.28
C ALA A 114 12.92 -18.75 -10.12
N SER A 115 12.96 -17.52 -9.62
CA SER A 115 12.45 -16.36 -10.35
C SER A 115 13.53 -15.69 -11.18
N ALA A 116 13.11 -14.95 -12.21
CA ALA A 116 14.02 -14.31 -13.20
C ALA A 116 15.16 -13.47 -12.61
N ILE A 117 15.03 -13.09 -11.34
CA ILE A 117 16.09 -12.43 -10.56
C ILE A 117 17.42 -13.18 -10.49
N TRP A 118 17.44 -14.49 -10.81
CA TRP A 118 18.70 -15.23 -10.91
C TRP A 118 19.73 -14.58 -11.86
N GLN A 119 19.24 -13.90 -12.90
CA GLN A 119 20.12 -13.16 -13.83
C GLN A 119 20.83 -11.97 -13.16
N GLN A 120 20.16 -11.36 -12.18
CA GLN A 120 20.77 -10.28 -11.39
C GLN A 120 21.81 -10.85 -10.42
N ALA A 121 21.52 -12.03 -9.86
CA ALA A 121 22.48 -12.76 -9.03
C ALA A 121 23.71 -13.20 -9.79
N ARG A 122 23.55 -13.59 -11.05
CA ARG A 122 24.69 -13.92 -11.92
C ARG A 122 25.55 -12.67 -12.17
N GLU A 123 24.91 -11.54 -12.46
CA GLU A 123 25.60 -10.26 -12.67
C GLU A 123 26.46 -9.85 -11.48
N VAL A 124 25.90 -9.96 -10.27
CA VAL A 124 26.57 -9.55 -9.03
C VAL A 124 27.79 -10.44 -8.72
N VAL A 125 27.65 -11.74 -8.98
CA VAL A 125 28.74 -12.69 -8.76
C VAL A 125 29.93 -12.35 -9.67
N ARG A 126 29.68 -12.26 -10.97
CA ARG A 126 30.71 -11.92 -11.97
C ARG A 126 31.36 -10.57 -11.65
N PHE A 127 30.54 -9.58 -11.31
CA PHE A 127 31.00 -8.25 -10.90
C PHE A 127 31.91 -8.29 -9.67
N ASN A 128 31.61 -9.16 -8.70
CA ASN A 128 32.44 -9.32 -7.50
C ASN A 128 33.64 -10.29 -7.63
N GLY A 129 33.84 -10.86 -8.82
CA GLY A 129 34.97 -11.77 -9.07
C GLY A 129 34.84 -13.13 -8.39
N LEU A 130 33.62 -13.57 -8.15
CA LEU A 130 33.34 -14.84 -7.47
C LEU A 130 32.69 -15.90 -8.39
N GLU A 131 32.89 -15.75 -9.70
CA GLU A 131 32.35 -16.71 -10.68
C GLU A 131 32.87 -18.15 -10.52
N ASP A 132 34.08 -18.30 -9.99
CA ASP A 132 34.67 -19.62 -9.71
C ASP A 132 34.07 -20.27 -8.46
N ARG A 133 33.73 -19.45 -7.47
CA ARG A 133 33.24 -19.94 -6.17
C ARG A 133 31.72 -20.00 -6.01
N VAL A 134 30.97 -19.20 -6.78
CA VAL A 134 29.49 -19.18 -6.70
C VAL A 134 28.88 -19.50 -8.07
N HIS A 135 28.10 -20.58 -8.13
CA HIS A 135 27.35 -20.98 -9.32
C HIS A 135 25.87 -20.72 -9.12
N VAL A 136 25.31 -19.83 -9.94
CA VAL A 136 23.89 -19.52 -9.89
C VAL A 136 23.15 -20.53 -10.77
N LEU A 137 22.25 -21.29 -10.17
CA LEU A 137 21.49 -22.33 -10.86
C LEU A 137 20.00 -21.96 -10.95
N PRO A 138 19.50 -21.60 -12.14
CA PRO A 138 18.08 -21.27 -12.23
C PRO A 138 17.14 -22.44 -12.01
N GLY A 139 15.88 -22.12 -11.68
CA GLY A 139 14.82 -23.11 -11.51
C GLY A 139 14.52 -23.38 -10.05
N PRO A 140 13.45 -24.15 -9.77
CA PRO A 140 13.15 -24.51 -8.39
C PRO A 140 14.16 -25.48 -7.79
N VAL A 141 14.30 -25.43 -6.47
CA VAL A 141 15.26 -26.25 -5.74
C VAL A 141 14.85 -27.74 -5.71
N GLU A 142 13.55 -27.98 -5.89
CA GLU A 142 13.01 -29.33 -6.01
C GLU A 142 13.58 -30.06 -7.22
N THR A 143 13.68 -29.36 -8.35
CA THR A 143 14.11 -29.94 -9.64
C THR A 143 15.55 -29.61 -10.08
N VAL A 144 16.32 -28.92 -9.24
CA VAL A 144 17.70 -28.58 -9.56
C VAL A 144 18.60 -29.79 -9.34
N GLU A 145 19.66 -29.90 -10.14
CA GLU A 145 20.63 -30.99 -10.07
C GLU A 145 22.00 -30.45 -9.72
N LEU A 146 22.47 -30.74 -8.50
CA LEU A 146 23.81 -30.37 -8.06
C LEU A 146 24.78 -31.52 -8.35
N PRO A 147 26.08 -31.19 -8.54
CA PRO A 147 27.10 -32.26 -8.73
C PRO A 147 27.40 -33.10 -7.48
N GLU A 148 27.08 -32.60 -6.28
CA GLU A 148 27.43 -33.26 -5.03
C GLU A 148 26.42 -32.96 -3.92
N GLN A 149 26.51 -33.73 -2.83
CA GLN A 149 25.81 -33.42 -1.59
C GLN A 149 26.57 -32.25 -0.95
N VAL A 150 25.87 -31.43 -0.16
CA VAL A 150 26.44 -30.21 0.45
C VAL A 150 26.63 -30.33 1.95
N ASP A 151 27.61 -29.60 2.47
CA ASP A 151 27.92 -29.59 3.90
C ASP A 151 27.09 -28.58 4.70
N ALA A 152 26.41 -27.66 4.01
CA ALA A 152 25.56 -26.68 4.66
C ALA A 152 24.49 -26.13 3.73
N ILE A 153 23.34 -25.77 4.31
CA ILE A 153 22.26 -25.10 3.60
C ILE A 153 21.96 -23.78 4.32
N VAL A 154 21.97 -22.69 3.54
CA VAL A 154 21.54 -21.37 4.03
C VAL A 154 20.28 -20.98 3.28
N SER A 155 19.36 -20.34 3.98
CA SER A 155 18.12 -19.84 3.36
C SER A 155 17.40 -18.86 4.24
N GLU A 156 16.92 -17.79 3.62
CA GLU A 156 15.94 -16.93 4.25
C GLU A 156 14.59 -17.26 3.62
N TRP A 157 13.77 -17.97 4.40
CA TRP A 157 12.52 -18.57 3.92
C TRP A 157 11.29 -18.02 4.63
N MET A 158 11.49 -17.16 5.63
CA MET A 158 10.44 -16.79 6.54
C MET A 158 9.55 -15.72 5.92
N GLY A 159 8.25 -15.97 5.91
CA GLY A 159 7.26 -15.00 5.43
C GLY A 159 6.61 -14.25 6.57
N TYR A 160 5.59 -13.46 6.25
CA TYR A 160 4.75 -12.84 7.27
C TYR A 160 4.10 -13.94 8.10
N GLY A 161 4.03 -13.73 9.41
CA GLY A 161 3.67 -14.78 10.35
C GLY A 161 4.48 -16.07 10.18
N LEU A 162 5.76 -15.91 9.83
CA LEU A 162 6.68 -17.03 9.56
C LEU A 162 6.35 -17.88 8.33
N LEU A 163 5.14 -18.44 8.24
CA LEU A 163 4.79 -19.45 7.23
C LEU A 163 4.01 -18.97 6.00
N HIS A 164 3.69 -17.68 5.90
CA HIS A 164 3.14 -17.15 4.66
C HIS A 164 4.16 -17.38 3.56
N GLU A 165 3.67 -17.74 2.38
CA GLU A 165 4.47 -18.19 1.21
C GLU A 165 4.77 -19.70 1.17
N SER A 166 4.79 -20.38 2.32
CA SER A 166 5.04 -21.84 2.40
C SER A 166 6.35 -22.24 1.73
N MET A 167 7.40 -21.44 1.96
CA MET A 167 8.73 -21.74 1.41
C MET A 167 9.47 -22.79 2.23
N LEU A 168 9.04 -23.05 3.46
CA LEU A 168 9.74 -23.98 4.35
C LEU A 168 9.78 -25.41 3.82
N SER A 169 8.71 -25.84 3.14
CA SER A 169 8.69 -27.17 2.51
C SER A 169 9.80 -27.36 1.47
N SER A 170 10.05 -26.33 0.67
CA SER A 170 11.12 -26.35 -0.32
C SER A 170 12.49 -26.57 0.33
N VAL A 171 12.71 -25.88 1.44
CA VAL A 171 13.97 -25.97 2.18
C VAL A 171 14.14 -27.35 2.87
N LEU A 172 13.07 -27.87 3.45
CA LEU A 172 13.09 -29.17 4.12
C LEU A 172 13.25 -30.34 3.14
N HIS A 173 12.65 -30.20 1.95
N HIS A 173 12.66 -30.21 1.95
CA HIS A 173 12.86 -31.15 0.85
CA HIS A 173 12.86 -31.17 0.87
C HIS A 173 14.30 -31.10 0.35
C HIS A 173 14.30 -31.10 0.31
N ALA A 174 14.86 -29.89 0.26
CA ALA A 174 16.27 -29.69 -0.12
C ALA A 174 17.27 -30.28 0.90
N ARG A 175 16.91 -30.27 2.18
N ARG A 175 16.91 -30.26 2.18
CA ARG A 175 17.73 -30.88 3.24
CA ARG A 175 17.71 -30.87 3.25
C ARG A 175 17.82 -32.39 3.05
C ARG A 175 17.81 -32.38 3.06
N THR A 176 16.66 -33.02 2.89
CA THR A 176 16.55 -34.48 2.71
C THR A 176 17.33 -34.97 1.50
N LYS A 177 17.23 -34.24 0.40
CA LYS A 177 17.85 -34.62 -0.86
C LYS A 177 19.35 -34.30 -0.92
N TRP A 178 19.75 -33.12 -0.46
CA TRP A 178 21.11 -32.61 -0.70
C TRP A 178 22.02 -32.43 0.51
N LEU A 179 21.49 -32.35 1.73
CA LEU A 179 22.36 -32.15 2.91
C LEU A 179 22.97 -33.46 3.39
N LYS A 180 24.29 -33.45 3.59
CA LYS A 180 25.00 -34.59 4.16
C LYS A 180 24.58 -34.81 5.61
N GLU A 181 24.92 -35.97 6.15
CA GLU A 181 24.70 -36.26 7.57
C GLU A 181 25.63 -35.40 8.40
N GLY A 182 25.10 -34.88 9.51
CA GLY A 182 25.82 -33.89 10.33
C GLY A 182 25.97 -32.53 9.67
N GLY A 183 25.09 -32.24 8.70
CA GLY A 183 25.16 -31.00 7.93
C GLY A 183 24.60 -29.85 8.73
N LEU A 184 24.84 -28.64 8.24
CA LEU A 184 24.50 -27.42 8.95
C LEU A 184 23.32 -26.69 8.28
N LEU A 185 22.38 -26.21 9.11
CA LEU A 185 21.21 -25.44 8.66
C LEU A 185 21.23 -24.03 9.26
N LEU A 186 21.17 -23.02 8.39
CA LEU A 186 21.15 -21.61 8.80
C LEU A 186 19.88 -20.87 8.28
N PRO A 187 18.93 -20.51 9.16
CA PRO A 187 18.90 -20.82 10.59
C PRO A 187 18.48 -22.28 10.86
N ALA A 188 18.61 -22.69 12.12
CA ALA A 188 18.35 -24.09 12.55
C ALA A 188 16.98 -24.30 13.22
N SER A 189 16.46 -23.29 13.90
CA SER A 189 15.17 -23.41 14.59
C SER A 189 14.30 -22.16 14.47
N ALA A 190 13.04 -22.31 14.89
CA ALA A 190 12.07 -21.22 14.86
C ALA A 190 11.06 -21.37 16.00
N GLU A 191 10.69 -20.25 16.61
CA GLU A 191 9.66 -20.21 17.66
C GLU A 191 8.61 -19.17 17.28
N LEU A 192 7.35 -19.44 17.63
CA LEU A 192 6.22 -18.59 17.31
C LEU A 192 5.58 -18.11 18.59
N PHE A 193 5.19 -16.84 18.61
CA PHE A 193 4.66 -16.21 19.81
C PHE A 193 3.33 -15.50 19.55
N ILE A 194 2.57 -15.32 20.61
CA ILE A 194 1.26 -14.68 20.55
C ILE A 194 0.99 -13.92 21.85
N VAL A 195 0.26 -12.82 21.74
CA VAL A 195 -0.08 -12.02 22.90
C VAL A 195 -1.30 -11.17 22.56
N PRO A 196 -2.19 -10.93 23.54
CA PRO A 196 -3.25 -9.95 23.28
C PRO A 196 -2.67 -8.54 23.15
N ILE A 197 -3.26 -7.73 22.27
CA ILE A 197 -2.74 -6.39 21.98
C ILE A 197 -3.81 -5.30 21.96
N SER A 198 -3.36 -4.07 22.13
CA SER A 198 -4.19 -2.87 22.06
C SER A 198 -3.57 -1.90 21.05
N ASP A 199 -3.90 -2.12 19.77
CA ASP A 199 -3.41 -1.32 18.64
C ASP A 199 -3.93 0.13 18.68
N GLN A 200 -2.99 1.06 18.86
CA GLN A 200 -3.31 2.49 18.90
C GLN A 200 -3.73 3.07 17.55
N MET A 201 -3.09 2.61 16.47
CA MET A 201 -3.45 3.02 15.11
C MET A 201 -4.93 2.74 14.80
N LEU A 202 -5.39 1.55 15.20
CA LEU A 202 -6.79 1.17 15.06
C LEU A 202 -7.70 1.98 15.98
N GLU A 203 -7.25 2.21 17.21
CA GLU A 203 -8.03 3.00 18.18
C GLU A 203 -8.31 4.40 17.67
N TRP A 204 -7.32 4.99 17.01
CA TRP A 204 -7.46 6.29 16.37
C TRP A 204 -8.49 6.25 15.23
N ARG A 205 -8.41 5.24 14.37
CA ARG A 205 -9.33 5.10 13.23
C ARG A 205 -10.79 4.84 13.63
N LEU A 206 -11.00 4.14 14.74
CA LEU A 206 -12.33 3.93 15.29
C LEU A 206 -12.89 5.19 15.94
N GLY A 207 -12.05 5.88 16.71
CA GLY A 207 -12.43 7.13 17.37
C GLY A 207 -12.62 8.34 16.46
N PHE A 208 -12.12 8.25 15.22
CA PHE A 208 -12.16 9.35 14.24
C PHE A 208 -13.53 10.01 14.07
N TRP A 209 -14.58 9.20 14.04
CA TRP A 209 -15.93 9.69 13.70
C TRP A 209 -16.58 10.54 14.80
N SER A 210 -16.07 10.44 16.02
CA SER A 210 -16.44 11.34 17.12
C SER A 210 -15.70 12.67 17.07
N GLN A 211 -14.58 12.73 16.36
CA GLN A 211 -13.76 13.93 16.24
C GLN A 211 -14.22 14.88 15.13
N VAL A 212 -15.06 14.38 14.22
CA VAL A 212 -15.54 15.17 13.07
C VAL A 212 -16.30 16.43 13.52
N LYS A 213 -17.09 16.32 14.59
CA LYS A 213 -17.83 17.46 15.13
C LYS A 213 -16.90 18.61 15.48
N GLN A 214 -15.82 18.32 16.22
CA GLN A 214 -14.84 19.32 16.63
C GLN A 214 -14.09 19.96 15.45
N HIS A 215 -13.81 19.17 14.42
CA HIS A 215 -13.09 19.67 13.23
C HIS A 215 -13.98 20.47 12.27
N TYR A 216 -15.20 19.97 12.01
CA TYR A 216 -16.02 20.49 10.91
C TYR A 216 -17.46 20.93 11.25
N GLY A 217 -17.91 20.70 12.49
CA GLY A 217 -19.27 21.08 12.90
C GLY A 217 -20.39 20.16 12.45
N VAL A 218 -20.07 18.90 12.19
CA VAL A 218 -21.05 17.88 11.83
C VAL A 218 -20.79 16.64 12.70
N ASP A 219 -21.81 16.20 13.43
CA ASP A 219 -21.68 15.06 14.33
C ASP A 219 -21.85 13.77 13.55
N MET A 220 -20.78 12.99 13.44
CA MET A 220 -20.79 11.68 12.78
C MET A 220 -20.42 10.57 13.76
N SER A 221 -20.62 10.81 15.06
CA SER A 221 -20.32 9.81 16.08
C SER A 221 -21.17 8.55 15.92
N CYS A 222 -22.34 8.70 15.31
CA CYS A 222 -23.24 7.58 14.98
C CYS A 222 -22.66 6.53 14.03
N LEU A 223 -21.57 6.84 13.31
CA LEU A 223 -20.91 5.88 12.41
C LEU A 223 -19.84 4.96 13.04
N GLU A 224 -19.65 5.05 14.36
CA GLU A 224 -18.61 4.25 15.04
C GLU A 224 -18.79 2.74 14.89
N GLY A 225 -20.04 2.28 14.99
CA GLY A 225 -20.36 0.86 14.81
C GLY A 225 -20.06 0.37 13.41
N PHE A 226 -20.48 1.14 12.41
CA PHE A 226 -20.17 0.86 11.00
C PHE A 226 -18.66 0.76 10.77
N ALA A 227 -17.93 1.73 11.29
CA ALA A 227 -16.46 1.74 11.19
C ALA A 227 -15.85 0.45 11.74
N THR A 228 -16.31 0.07 12.93
CA THR A 228 -15.86 -1.14 13.61
C THR A 228 -16.13 -2.41 12.80
N ARG A 229 -17.33 -2.51 12.22
CA ARG A 229 -17.69 -3.66 11.39
C ARG A 229 -16.83 -3.79 10.14
N CYS A 230 -16.52 -2.68 9.47
CA CYS A 230 -15.60 -2.71 8.32
C CYS A 230 -14.19 -3.12 8.72
N LEU A 231 -13.64 -2.41 9.69
CA LEU A 231 -12.21 -2.53 10.02
C LEU A 231 -11.85 -3.75 10.85
N MET A 232 -12.75 -4.17 11.75
CA MET A 232 -12.53 -5.34 12.62
C MET A 232 -13.30 -6.57 12.19
N GLY A 233 -14.46 -6.40 11.56
CA GLY A 233 -15.27 -7.54 11.09
C GLY A 233 -14.72 -8.29 9.90
N HIS A 234 -13.76 -7.71 9.17
CA HIS A 234 -13.08 -8.42 8.08
C HIS A 234 -12.16 -9.51 8.66
N SER A 235 -12.08 -10.64 7.95
CA SER A 235 -11.32 -11.81 8.41
C SER A 235 -9.96 -11.92 7.72
N GLU A 236 -9.14 -10.88 7.84
CA GLU A 236 -7.80 -10.86 7.21
C GLU A 236 -6.68 -10.51 8.17
N ILE A 237 -5.52 -11.13 7.96
CA ILE A 237 -4.35 -10.94 8.83
C ILE A 237 -3.64 -9.64 8.40
N VAL A 238 -3.54 -8.70 9.33
CA VAL A 238 -2.97 -7.38 9.05
C VAL A 238 -1.51 -7.34 9.46
N VAL A 239 -0.62 -7.06 8.50
CA VAL A 239 0.80 -6.89 8.76
C VAL A 239 1.09 -5.45 9.17
N GLN A 240 1.34 -5.25 10.47
CA GLN A 240 1.60 -3.92 11.02
C GLN A 240 2.58 -3.99 12.17
N GLY A 241 3.34 -2.91 12.34
CA GLY A 241 4.36 -2.82 13.39
C GLY A 241 3.76 -2.28 14.66
N LEU A 242 4.05 -2.95 15.78
CA LEU A 242 3.59 -2.53 17.10
C LEU A 242 4.76 -2.11 17.98
N SER A 243 4.45 -1.37 19.04
CA SER A 243 5.42 -1.00 20.08
C SER A 243 5.11 -1.77 21.37
N GLY A 244 5.99 -1.64 22.36
CA GLY A 244 5.84 -2.32 23.64
C GLY A 244 4.60 -1.93 24.44
N GLU A 245 4.18 -0.66 24.32
CA GLU A 245 2.95 -0.17 24.96
C GLU A 245 1.69 -0.90 24.49
N ASP A 246 1.70 -1.38 23.25
CA ASP A 246 0.57 -2.10 22.66
C ASP A 246 0.36 -3.51 23.27
N VAL A 247 1.42 -4.09 23.85
CA VAL A 247 1.38 -5.46 24.40
C VAL A 247 0.70 -5.49 25.78
N LEU A 248 -0.33 -6.34 25.90
CA LEU A 248 -1.23 -6.33 27.06
C LEU A 248 -0.99 -7.41 28.12
N ALA A 249 -0.16 -8.39 27.81
CA ALA A 249 0.18 -9.46 28.76
C ALA A 249 1.55 -10.01 28.40
N ARG A 250 2.03 -10.97 29.20
CA ARG A 250 3.31 -11.64 28.93
C ARG A 250 3.15 -12.44 27.64
N PRO A 251 4.01 -12.19 26.63
CA PRO A 251 3.89 -12.98 25.39
C PRO A 251 4.17 -14.48 25.59
N GLN A 252 3.36 -15.30 24.92
CA GLN A 252 3.35 -16.74 25.11
C GLN A 252 3.83 -17.43 23.85
N ARG A 253 4.79 -18.34 23.99
CA ARG A 253 5.19 -19.21 22.89
C ARG A 253 4.14 -20.30 22.71
N PHE A 254 3.74 -20.54 21.45
CA PHE A 254 2.78 -21.61 21.13
C PHE A 254 3.29 -22.67 20.16
N ALA A 255 4.53 -22.55 19.67
CA ALA A 255 5.13 -23.56 18.80
C ALA A 255 6.65 -23.40 18.74
N GLN A 256 7.33 -24.55 18.57
CA GLN A 256 8.76 -24.62 18.29
C GLN A 256 8.95 -25.48 17.07
N LEU A 257 9.79 -25.05 16.15
CA LEU A 257 10.13 -25.83 14.98
C LEU A 257 11.62 -26.09 14.95
N GLU A 258 12.02 -27.32 15.25
CA GLU A 258 13.37 -27.79 14.99
C GLU A 258 13.34 -28.24 13.53
N LEU A 259 14.10 -27.55 12.68
CA LEU A 259 14.05 -27.80 11.24
C LEU A 259 14.73 -29.11 10.82
N SER A 260 15.65 -29.62 11.65
CA SER A 260 16.29 -30.92 11.42
C SER A 260 15.35 -32.12 11.64
N ARG A 261 14.28 -31.93 12.42
CA ARG A 261 13.30 -32.97 12.72
C ARG A 261 12.67 -33.55 11.44
N ALA A 262 12.75 -34.88 11.30
CA ALA A 262 12.12 -35.59 10.18
C ALA A 262 10.62 -35.70 10.43
N GLY A 263 9.86 -35.74 9.35
CA GLY A 263 8.39 -35.71 9.40
C GLY A 263 7.78 -34.34 9.58
N LEU A 264 8.59 -33.29 9.63
CA LEU A 264 8.11 -31.91 9.80
C LEU A 264 7.35 -31.42 8.56
N GLU A 265 7.76 -31.87 7.37
CA GLU A 265 7.09 -31.51 6.12
C GLU A 265 5.61 -31.90 6.11
N GLN A 266 5.31 -33.10 6.61
CA GLN A 266 3.91 -33.56 6.72
C GLN A 266 3.15 -32.80 7.80
N GLU A 267 3.82 -32.49 8.90
CA GLU A 267 3.22 -31.74 10.01
C GLU A 267 2.86 -30.29 9.67
N LEU A 268 3.47 -29.72 8.63
CA LEU A 268 3.16 -28.36 8.16
C LEU A 268 1.80 -28.28 7.46
N GLU A 269 1.46 -29.28 6.64
CA GLU A 269 0.15 -29.34 5.98
C GLU A 269 -0.98 -29.55 7.00
N ALA A 270 -0.73 -30.37 8.02
CA ALA A 270 -1.71 -30.62 9.09
C ALA A 270 -1.95 -29.41 10.01
N GLY A 271 -0.97 -28.50 10.08
CA GLY A 271 -1.09 -27.28 10.88
C GLY A 271 0.03 -27.20 11.91
N VAL A 272 0.48 -25.97 12.15
CA VAL A 272 1.48 -25.68 13.18
C VAL A 272 0.73 -24.81 14.18
N GLY A 273 0.81 -25.14 15.46
CA GLY A 273 0.03 -24.42 16.44
C GLY A 273 0.06 -24.97 17.85
N GLY A 274 -0.69 -24.32 18.74
CA GLY A 274 -0.81 -24.77 20.11
C GLY A 274 -1.84 -24.01 20.93
N ARG A 275 -1.92 -24.40 22.20
CA ARG A 275 -2.80 -23.76 23.18
CA ARG A 275 -2.79 -23.77 23.18
C ARG A 275 -2.01 -22.67 23.89
N PHE A 276 -2.73 -21.68 24.44
CA PHE A 276 -2.08 -20.59 25.17
C PHE A 276 -2.97 -20.02 26.28
N ARG A 277 -2.32 -19.50 27.33
CA ARG A 277 -3.01 -18.76 28.38
C ARG A 277 -2.11 -17.67 28.95
N CYS A 278 -2.73 -16.55 29.32
CA CYS A 278 -2.01 -15.43 29.92
C CYS A 278 -2.97 -14.52 30.67
N SER A 279 -2.39 -13.61 31.45
CA SER A 279 -3.13 -12.68 32.30
C SER A 279 -2.74 -11.27 31.96
N CYS A 280 -3.73 -10.41 31.74
CA CYS A 280 -3.48 -9.04 31.30
C CYS A 280 -2.83 -8.17 32.39
N TYR A 281 -1.88 -7.34 31.97
CA TYR A 281 -1.12 -6.46 32.86
C TYR A 281 -1.98 -5.41 33.58
N GLY A 282 -2.95 -4.84 32.87
CA GLY A 282 -3.77 -3.75 33.42
C GLY A 282 -4.97 -3.40 32.58
N SER A 283 -5.51 -2.21 32.79
CA SER A 283 -6.72 -1.80 32.10
C SER A 283 -6.40 -1.26 30.71
N ALA A 284 -7.09 -1.81 29.70
CA ALA A 284 -6.95 -1.36 28.31
C ALA A 284 -8.08 -1.92 27.46
N PRO A 285 -8.29 -1.36 26.25
CA PRO A 285 -9.18 -1.99 25.28
C PRO A 285 -8.39 -2.95 24.37
N MET A 286 -8.74 -4.24 24.44
CA MET A 286 -8.09 -5.28 23.65
C MET A 286 -8.74 -5.30 22.27
N HIS A 287 -7.92 -5.17 21.24
CA HIS A 287 -8.38 -5.21 19.83
C HIS A 287 -8.11 -6.53 19.13
N GLY A 288 -7.28 -7.41 19.71
CA GLY A 288 -6.95 -8.68 19.07
C GLY A 288 -5.67 -9.30 19.57
N PHE A 289 -4.99 -10.01 18.67
CA PHE A 289 -3.74 -10.69 18.99
C PHE A 289 -2.70 -10.33 17.96
N ALA A 290 -1.45 -10.20 18.41
CA ALA A 290 -0.31 -10.06 17.53
C ALA A 290 0.46 -11.36 17.61
N ILE A 291 0.89 -11.87 16.46
CA ILE A 291 1.84 -12.98 16.44
C ILE A 291 3.12 -12.56 15.74
N TRP A 292 4.22 -13.16 16.19
CA TRP A 292 5.52 -12.93 15.58
C TRP A 292 6.38 -14.15 15.85
N PHE A 293 7.58 -14.13 15.29
CA PHE A 293 8.48 -15.26 15.37
C PHE A 293 9.90 -14.84 15.68
N GLN A 294 10.72 -15.85 15.94
CA GLN A 294 12.16 -15.71 15.95
C GLN A 294 12.79 -16.93 15.30
N VAL A 295 14.02 -16.78 14.81
CA VAL A 295 14.82 -17.92 14.34
C VAL A 295 16.20 -17.84 14.98
N THR A 296 16.86 -18.99 15.09
CA THR A 296 18.17 -19.09 15.75
C THR A 296 19.21 -19.70 14.82
N PHE A 297 20.36 -19.05 14.74
CA PHE A 297 21.53 -19.57 14.02
C PHE A 297 22.44 -20.28 15.04
N PRO A 298 23.00 -21.45 14.68
CA PRO A 298 23.94 -22.10 15.60
C PRO A 298 25.27 -21.37 15.75
N GLY A 299 25.91 -21.52 16.91
CA GLY A 299 27.23 -20.94 17.18
C GLY A 299 28.37 -21.83 16.68
N GLY A 300 29.60 -21.42 16.99
CA GLY A 300 30.79 -22.20 16.61
C GLY A 300 32.10 -21.49 16.92
N GLU A 303 31.60 -19.62 20.81
CA GLU A 303 30.70 -18.48 20.62
C GLU A 303 29.23 -18.84 20.88
N LYS A 304 28.43 -17.82 21.22
CA LYS A 304 27.01 -17.99 21.57
C LYS A 304 26.09 -17.95 20.33
N PRO A 305 24.89 -18.56 20.42
CA PRO A 305 24.01 -18.65 19.25
C PRO A 305 23.27 -17.34 18.95
N LEU A 306 23.06 -17.04 17.67
CA LEU A 306 22.48 -15.77 17.24
C LEU A 306 20.99 -15.91 16.97
N VAL A 307 20.19 -15.03 17.58
CA VAL A 307 18.73 -15.07 17.50
C VAL A 307 18.21 -13.87 16.71
N LEU A 308 17.47 -14.13 15.63
CA LEU A 308 16.80 -13.08 14.86
C LEU A 308 15.33 -13.02 15.26
N SER A 309 14.94 -12.02 16.04
CA SER A 309 13.55 -11.86 16.52
C SER A 309 12.78 -10.81 15.72
N THR A 310 11.47 -11.01 15.59
CA THR A 310 10.56 -9.99 15.03
C THR A 310 9.56 -9.52 16.09
N SER A 311 9.94 -9.67 17.36
CA SER A 311 9.18 -9.17 18.49
C SER A 311 9.12 -7.64 18.44
N PRO A 312 8.03 -7.04 18.95
CA PRO A 312 8.00 -5.57 19.07
C PRO A 312 8.90 -5.00 20.17
N PHE A 313 9.41 -5.84 21.08
CA PHE A 313 10.41 -5.42 22.08
C PHE A 313 11.86 -5.42 21.55
N HIS A 314 12.07 -5.95 20.35
CA HIS A 314 13.38 -5.92 19.69
C HIS A 314 13.29 -4.98 18.49
N PRO A 315 14.45 -4.60 17.89
CA PRO A 315 14.43 -3.63 16.80
C PRO A 315 13.56 -4.06 15.61
N ALA A 316 12.99 -3.08 14.93
CA ALA A 316 11.99 -3.33 13.89
C ALA A 316 12.59 -4.06 12.69
N THR A 317 11.74 -4.81 11.99
CA THR A 317 12.12 -5.52 10.76
C THR A 317 10.98 -5.37 9.75
N HIS A 318 11.24 -5.72 8.49
CA HIS A 318 10.22 -5.62 7.45
C HIS A 318 9.04 -6.57 7.68
N TRP A 319 9.25 -7.64 8.47
CA TRP A 319 8.17 -8.55 8.87
C TRP A 319 7.15 -7.94 9.84
N LYS A 320 7.59 -6.97 10.63
CA LYS A 320 6.72 -6.29 11.61
C LYS A 320 6.10 -7.34 12.55
N GLN A 321 4.79 -7.28 12.79
CA GLN A 321 4.05 -8.37 13.40
C GLN A 321 2.77 -8.59 12.62
N ALA A 322 2.16 -9.75 12.82
CA ALA A 322 0.91 -10.10 12.16
C ALA A 322 -0.24 -10.01 13.16
N LEU A 323 -1.22 -9.16 12.84
CA LEU A 323 -2.31 -8.84 13.76
C LEU A 323 -3.59 -9.60 13.41
N LEU A 324 -4.25 -10.11 14.45
CA LEU A 324 -5.46 -10.89 14.34
C LEU A 324 -6.55 -10.18 15.13
N TYR A 325 -7.41 -9.42 14.44
CA TYR A 325 -8.42 -8.61 15.12
C TYR A 325 -9.65 -9.40 15.53
N LEU A 326 -10.26 -8.96 16.63
CA LEU A 326 -11.54 -9.47 17.10
C LEU A 326 -12.59 -8.84 16.21
N ASN A 327 -13.87 -9.17 16.43
CA ASN A 327 -14.96 -8.55 15.68
C ASN A 327 -15.32 -7.17 16.22
N GLU A 328 -15.02 -6.93 17.51
CA GLU A 328 -15.12 -5.60 18.11
C GLU A 328 -14.12 -5.50 19.29
N PRO A 329 -13.93 -4.29 19.84
CA PRO A 329 -13.11 -4.22 21.06
C PRO A 329 -13.71 -4.98 22.26
N VAL A 330 -12.84 -5.43 23.14
CA VAL A 330 -13.24 -6.00 24.44
C VAL A 330 -12.40 -5.29 25.49
N GLN A 331 -13.07 -4.63 26.43
CA GLN A 331 -12.39 -3.91 27.51
C GLN A 331 -11.89 -4.92 28.54
N VAL A 332 -10.59 -4.90 28.82
CA VAL A 332 -9.95 -5.79 29.81
C VAL A 332 -9.39 -5.01 31.00
N GLU A 333 -9.20 -5.72 32.11
CA GLU A 333 -8.64 -5.18 33.35
C GLU A 333 -7.40 -5.99 33.74
N GLN A 334 -6.77 -5.63 34.85
CA GLN A 334 -5.66 -6.41 35.40
C GLN A 334 -6.11 -7.82 35.76
N ASP A 335 -5.24 -8.79 35.48
CA ASP A 335 -5.47 -10.21 35.76
C ASP A 335 -6.67 -10.84 35.02
N THR A 336 -7.06 -10.26 33.88
CA THR A 336 -8.12 -10.84 33.07
C THR A 336 -7.55 -12.03 32.32
N ASP A 337 -8.31 -13.11 32.28
CA ASP A 337 -7.86 -14.35 31.67
C ASP A 337 -8.13 -14.32 30.17
N VAL A 338 -7.06 -14.37 29.38
CA VAL A 338 -7.15 -14.58 27.94
C VAL A 338 -6.54 -15.94 27.65
N SER A 339 -7.30 -16.80 26.97
CA SER A 339 -6.81 -18.10 26.56
C SER A 339 -7.39 -18.48 25.21
N GLY A 340 -6.80 -19.51 24.60
CA GLY A 340 -7.26 -19.99 23.30
C GLY A 340 -6.34 -20.99 22.62
N GLU A 341 -6.63 -21.24 21.35
CA GLU A 341 -5.82 -22.07 20.48
C GLU A 341 -5.61 -21.35 19.17
N ILE A 342 -4.45 -21.56 18.57
CA ILE A 342 -4.14 -21.03 17.24
C ILE A 342 -3.50 -22.13 16.37
N THR A 343 -3.86 -22.14 15.09
CA THR A 343 -3.28 -23.06 14.11
C THR A 343 -3.01 -22.30 12.81
N LEU A 344 -1.76 -22.39 12.35
CA LEU A 344 -1.32 -21.78 11.08
C LEU A 344 -1.36 -22.85 10.01
N LEU A 345 -2.10 -22.56 8.94
CA LEU A 345 -2.35 -23.53 7.85
C LEU A 345 -2.13 -22.87 6.50
N PRO A 346 -1.95 -23.68 5.45
CA PRO A 346 -2.13 -23.15 4.09
C PRO A 346 -3.63 -22.95 3.80
N SER A 347 -3.97 -21.95 3.00
CA SER A 347 -5.37 -21.69 2.65
C SER A 347 -5.95 -22.77 1.74
N ARG A 348 -7.28 -22.84 1.69
CA ARG A 348 -7.99 -23.85 0.89
C ARG A 348 -7.71 -23.67 -0.61
N ASP A 349 -8.04 -22.51 -1.15
CA ASP A 349 -7.84 -22.21 -2.57
C ASP A 349 -6.36 -22.08 -2.97
N ASN A 350 -5.59 -21.37 -2.13
CA ASN A 350 -4.18 -21.05 -2.43
C ASN A 350 -3.19 -21.57 -1.35
N PRO A 351 -2.50 -22.69 -1.62
CA PRO A 351 -1.55 -23.24 -0.62
C PRO A 351 -0.44 -22.32 -0.11
N ARG A 352 -0.01 -21.34 -0.90
CA ARG A 352 1.02 -20.39 -0.46
C ARG A 352 0.51 -19.24 0.43
N ARG A 353 -0.81 -19.08 0.54
CA ARG A 353 -1.41 -18.05 1.39
C ARG A 353 -1.67 -18.59 2.78
N LEU A 354 -1.34 -17.79 3.80
CA LEU A 354 -1.37 -18.24 5.18
C LEU A 354 -2.79 -18.12 5.70
N ARG A 355 -3.22 -19.16 6.40
CA ARG A 355 -4.51 -19.19 7.06
C ARG A 355 -4.27 -19.35 8.55
N VAL A 356 -5.09 -18.68 9.35
CA VAL A 356 -5.02 -18.78 10.81
C VAL A 356 -6.41 -19.10 11.37
N LEU A 357 -6.55 -20.28 11.97
CA LEU A 357 -7.72 -20.61 12.78
C LEU A 357 -7.42 -20.17 14.22
N LEU A 358 -8.29 -19.34 14.79
CA LEU A 358 -8.15 -18.86 16.15
C LEU A 358 -9.38 -19.25 16.95
N ARG A 359 -9.18 -19.95 18.08
CA ARG A 359 -10.17 -20.08 19.13
C ARG A 359 -9.70 -19.19 20.27
N TYR A 360 -10.60 -18.42 20.87
CA TYR A 360 -10.21 -17.49 21.95
C TYR A 360 -11.33 -17.25 22.96
N LYS A 361 -10.94 -17.10 24.22
CA LYS A 361 -11.85 -16.78 25.32
C LYS A 361 -11.25 -15.65 26.13
N VAL A 362 -12.05 -14.62 26.41
CA VAL A 362 -11.59 -13.43 27.12
C VAL A 362 -12.46 -13.16 28.36
N GLY A 363 -11.94 -13.50 29.54
CA GLY A 363 -12.67 -13.28 30.79
C GLY A 363 -13.90 -14.15 30.89
N ASP A 364 -15.01 -13.57 31.37
CA ASP A 364 -16.29 -14.28 31.53
C ASP A 364 -16.99 -14.59 30.20
N GLN A 365 -16.61 -13.88 29.15
CA GLN A 365 -17.14 -14.08 27.79
C GLN A 365 -16.89 -15.50 27.29
N GLU A 366 -17.82 -16.03 26.50
CA GLU A 366 -17.72 -17.42 26.00
C GLU A 366 -16.66 -17.56 24.88
N GLU A 367 -16.29 -18.81 24.61
CA GLU A 367 -15.26 -19.14 23.61
C GLU A 367 -15.75 -18.83 22.19
N LYS A 368 -14.96 -18.05 21.47
CA LYS A 368 -15.29 -17.62 20.12
C LYS A 368 -14.25 -18.09 19.12
N THR A 369 -14.66 -18.16 17.86
CA THR A 369 -13.82 -18.68 16.78
C THR A 369 -13.76 -17.66 15.64
N LYS A 370 -12.60 -17.61 14.97
CA LYS A 370 -12.40 -16.73 13.82
C LYS A 370 -11.32 -17.28 12.88
N ASP A 371 -11.62 -17.26 11.58
CA ASP A 371 -10.77 -17.80 10.52
C ASP A 371 -10.19 -16.62 9.77
N PHE A 372 -8.86 -16.53 9.70
CA PHE A 372 -8.19 -15.41 9.03
C PHE A 372 -7.41 -15.88 7.82
N ALA A 373 -7.24 -14.99 6.86
CA ALA A 373 -6.37 -15.22 5.70
C ALA A 373 -5.47 -14.01 5.49
N MET A 374 -4.24 -14.24 5.03
CA MET A 374 -3.25 -13.15 4.85
C MET A 374 -3.79 -12.09 3.88
N GLU A 375 -3.56 -10.82 4.23
CA GLU A 375 -3.92 -9.67 3.38
C GLU A 375 -3.82 -9.96 1.88
N ASP A 376 -4.93 -9.72 1.17
CA ASP A 376 -5.04 -10.00 -0.27
C ASP A 376 -4.22 -9.02 -1.12
N LYS B 41 -21.12 -4.82 -20.20
CA LYS B 41 -20.84 -4.97 -18.74
C LYS B 41 -21.01 -3.65 -17.97
N ARG B 42 -22.26 -3.40 -17.55
CA ARG B 42 -22.57 -2.35 -16.57
C ARG B 42 -22.27 -2.81 -15.13
N GLU B 43 -21.95 -4.09 -14.96
CA GLU B 43 -21.41 -4.64 -13.71
C GLU B 43 -19.98 -4.19 -13.38
N ARG B 44 -19.32 -3.46 -14.30
CA ARG B 44 -18.10 -2.71 -13.98
C ARG B 44 -18.35 -1.62 -12.94
N ASP B 45 -19.53 -1.00 -13.00
CA ASP B 45 -19.95 0.01 -12.02
C ASP B 45 -20.12 -0.55 -10.59
N GLN B 46 -20.51 -1.81 -10.46
CA GLN B 46 -20.67 -2.46 -9.14
C GLN B 46 -19.36 -2.63 -8.37
N LEU B 47 -18.28 -2.97 -9.07
CA LEU B 47 -16.96 -3.08 -8.44
C LEU B 47 -16.35 -1.72 -8.08
N TYR B 48 -16.75 -0.67 -8.82
CA TYR B 48 -16.34 0.71 -8.53
C TYR B 48 -16.99 1.23 -7.25
N TYR B 49 -18.31 1.06 -7.14
CA TYR B 49 -19.06 1.52 -5.97
C TYR B 49 -18.76 0.71 -4.70
N GLU B 50 -18.27 -0.52 -4.85
CA GLU B 50 -17.85 -1.34 -3.71
C GLU B 50 -16.68 -0.73 -2.93
N CYS B 51 -15.82 0.03 -3.61
CA CYS B 51 -14.75 0.79 -2.94
C CYS B 51 -15.36 1.81 -2.01
N TYR B 52 -16.35 2.55 -2.51
CA TYR B 52 -17.02 3.61 -1.74
C TYR B 52 -18.04 3.11 -0.71
N SER B 53 -18.35 1.82 -0.72
CA SER B 53 -19.12 1.20 0.35
C SER B 53 -18.34 0.99 1.65
N ASP B 54 -17.01 1.04 1.58
CA ASP B 54 -16.14 0.82 2.75
C ASP B 54 -15.82 2.14 3.45
N VAL B 55 -15.62 2.07 4.77
CA VAL B 55 -15.32 3.23 5.62
C VAL B 55 -13.97 3.92 5.37
N SER B 56 -12.96 3.16 4.95
CA SER B 56 -11.59 3.68 4.89
C SER B 56 -11.40 4.84 3.92
N VAL B 57 -11.97 4.70 2.73
N VAL B 57 -11.97 4.71 2.72
CA VAL B 57 -11.91 5.74 1.70
CA VAL B 57 -11.86 5.77 1.71
C VAL B 57 -12.54 7.07 2.16
C VAL B 57 -12.54 7.07 2.16
N HIS B 58 -13.65 6.96 2.90
CA HIS B 58 -14.36 8.14 3.42
C HIS B 58 -13.63 8.78 4.59
N GLU B 59 -13.04 7.94 5.43
CA GLU B 59 -12.12 8.39 6.46
C GLU B 59 -10.99 9.18 5.81
N GLU B 60 -10.35 8.61 4.79
CA GLU B 60 -9.26 9.30 4.10
C GLU B 60 -9.71 10.64 3.51
N MET B 61 -10.92 10.71 2.96
CA MET B 61 -11.42 11.95 2.37
C MET B 61 -11.74 13.02 3.42
N ILE B 62 -12.40 12.62 4.50
CA ILE B 62 -12.77 13.55 5.57
C ILE B 62 -11.55 13.94 6.41
N ALA B 63 -10.61 13.03 6.61
CA ALA B 63 -9.32 13.35 7.25
C ALA B 63 -8.46 14.33 6.43
N ASP B 64 -8.66 14.39 5.11
CA ASP B 64 -8.01 15.39 4.26
C ASP B 64 -8.58 16.77 4.59
N ARG B 65 -7.92 17.44 5.53
CA ARG B 65 -8.37 18.71 6.07
C ARG B 65 -8.50 19.78 4.98
N VAL B 66 -7.47 19.91 4.15
CA VAL B 66 -7.45 20.90 3.07
C VAL B 66 -8.68 20.76 2.17
N ARG B 67 -8.96 19.52 1.77
CA ARG B 67 -10.12 19.23 0.93
C ARG B 67 -11.44 19.57 1.60
N THR B 68 -11.64 19.04 2.80
CA THR B 68 -12.91 19.16 3.49
C THR B 68 -13.18 20.61 3.96
N ASP B 69 -12.13 21.32 4.38
CA ASP B 69 -12.29 22.72 4.77
C ASP B 69 -12.45 23.67 3.61
N ALA B 70 -11.91 23.32 2.45
CA ALA B 70 -12.15 24.08 1.20
C ALA B 70 -13.63 24.02 0.84
N TYR B 71 -14.19 22.82 0.86
CA TYR B 71 -15.64 22.65 0.66
C TYR B 71 -16.49 23.33 1.73
N ARG B 72 -16.03 23.33 2.97
CA ARG B 72 -16.77 23.96 4.06
C ARG B 72 -16.91 25.46 3.83
N LEU B 73 -15.78 26.13 3.64
CA LEU B 73 -15.76 27.57 3.42
C LEU B 73 -16.34 27.94 2.06
N GLY B 74 -16.01 27.15 1.04
CA GLY B 74 -16.57 27.34 -0.31
C GLY B 74 -18.09 27.36 -0.33
N ILE B 75 -18.70 26.46 0.42
CA ILE B 75 -20.15 26.45 0.61
C ILE B 75 -20.58 27.64 1.45
N LEU B 76 -19.91 27.87 2.58
CA LEU B 76 -20.29 28.97 3.48
C LEU B 76 -20.30 30.33 2.81
N ARG B 77 -19.23 30.65 2.07
CA ARG B 77 -19.13 31.97 1.42
C ARG B 77 -20.20 32.22 0.35
N ASN B 78 -20.74 31.16 -0.25
CA ASN B 78 -21.87 31.26 -1.19
C ASN B 78 -23.24 31.09 -0.52
N TRP B 79 -23.38 31.58 0.71
CA TRP B 79 -24.66 31.58 1.42
C TRP B 79 -25.77 32.34 0.66
N ALA B 80 -25.41 33.42 -0.02
CA ALA B 80 -26.39 34.29 -0.70
C ALA B 80 -27.11 33.54 -1.82
N ALA B 81 -26.36 32.70 -2.51
CA ALA B 81 -26.92 31.84 -3.55
C ALA B 81 -27.55 30.55 -3.00
N LEU B 82 -27.36 30.27 -1.71
CA LEU B 82 -27.84 29.02 -1.09
C LEU B 82 -28.99 29.13 -0.07
N ARG B 83 -29.09 30.26 0.64
N ARG B 83 -29.09 30.26 0.64
CA ARG B 83 -30.18 30.47 1.61
CA ARG B 83 -30.17 30.45 1.62
C ARG B 83 -31.53 30.40 0.91
C ARG B 83 -31.53 30.41 0.93
N GLY B 84 -32.40 29.52 1.41
CA GLY B 84 -33.74 29.34 0.85
C GLY B 84 -33.83 28.44 -0.39
N LYS B 85 -32.70 27.98 -0.91
CA LYS B 85 -32.63 27.35 -2.23
C LYS B 85 -32.54 25.83 -2.14
N THR B 86 -32.68 25.19 -3.29
CA THR B 86 -32.59 23.75 -3.42
C THR B 86 -31.24 23.34 -4.00
N VAL B 87 -30.70 22.23 -3.53
CA VAL B 87 -29.34 21.81 -3.87
C VAL B 87 -29.31 20.32 -4.21
N LEU B 88 -28.54 19.97 -5.24
CA LEU B 88 -28.24 18.57 -5.57
C LEU B 88 -26.78 18.26 -5.23
N ASP B 89 -26.57 17.33 -4.30
CA ASP B 89 -25.24 16.88 -3.93
C ASP B 89 -25.00 15.55 -4.65
N VAL B 90 -24.19 15.60 -5.70
CA VAL B 90 -23.93 14.44 -6.54
C VAL B 90 -22.81 13.63 -5.91
N GLY B 91 -23.14 12.42 -5.47
CA GLY B 91 -22.20 11.54 -4.78
C GLY B 91 -21.96 12.03 -3.36
N ALA B 92 -23.00 11.95 -2.54
CA ALA B 92 -22.96 12.48 -1.18
C ALA B 92 -22.09 11.72 -0.19
N GLY B 93 -21.77 10.46 -0.49
CA GLY B 93 -20.94 9.64 0.38
C GLY B 93 -21.57 9.50 1.75
N THR B 94 -20.82 9.88 2.78
CA THR B 94 -21.31 9.88 4.16
C THR B 94 -22.24 11.07 4.46
N GLY B 95 -22.40 11.98 3.50
CA GLY B 95 -23.40 13.05 3.56
C GLY B 95 -22.88 14.38 4.12
N ILE B 96 -21.56 14.51 4.28
CA ILE B 96 -20.96 15.67 4.92
C ILE B 96 -21.18 16.98 4.14
N LEU B 97 -21.06 16.92 2.81
CA LEU B 97 -21.23 18.11 1.97
C LEU B 97 -22.69 18.58 1.93
N SER B 98 -23.62 17.64 1.98
CA SER B 98 -25.06 17.97 2.05
C SER B 98 -25.41 18.72 3.33
N ILE B 99 -24.77 18.35 4.43
CA ILE B 99 -24.99 19.02 5.72
C ILE B 99 -24.41 20.44 5.73
N PHE B 100 -23.26 20.63 5.10
CA PHE B 100 -22.70 21.97 4.89
C PHE B 100 -23.68 22.88 4.14
N CYS B 101 -24.34 22.33 3.14
CA CYS B 101 -25.36 23.08 2.38
C CYS B 101 -26.57 23.48 3.23
N ALA B 102 -27.05 22.55 4.06
CA ALA B 102 -28.14 22.83 5.01
C ALA B 102 -27.74 23.86 6.07
N GLN B 103 -26.53 23.74 6.61
CA GLN B 103 -26.00 24.70 7.58
C GLN B 103 -25.83 26.12 6.99
N ALA B 104 -25.66 26.21 5.67
CA ALA B 104 -25.65 27.49 4.95
C ALA B 104 -27.04 27.94 4.48
N GLY B 105 -28.11 27.35 5.02
CA GLY B 105 -29.47 27.85 4.84
C GLY B 105 -30.32 27.26 3.72
N ALA B 106 -29.84 26.23 3.03
CA ALA B 106 -30.61 25.64 1.93
C ALA B 106 -31.87 25.02 2.48
N ARG B 107 -32.99 25.24 1.79
CA ARG B 107 -34.28 24.72 2.24
C ARG B 107 -34.45 23.23 1.95
N ARG B 108 -33.80 22.76 0.88
CA ARG B 108 -33.87 21.36 0.47
C ARG B 108 -32.56 20.92 -0.19
N VAL B 109 -32.00 19.80 0.28
CA VAL B 109 -30.81 19.21 -0.33
C VAL B 109 -31.10 17.77 -0.73
N TYR B 110 -30.91 17.45 -2.01
CA TYR B 110 -31.03 16.08 -2.50
C TYR B 110 -29.65 15.47 -2.58
N ALA B 111 -29.38 14.52 -1.68
CA ALA B 111 -28.08 13.87 -1.58
C ALA B 111 -28.11 12.54 -2.31
N VAL B 112 -27.65 12.53 -3.56
CA VAL B 112 -27.70 11.32 -4.39
C VAL B 112 -26.40 10.55 -4.25
N GLU B 113 -26.51 9.24 -3.97
CA GLU B 113 -25.35 8.38 -3.74
C GLU B 113 -25.59 6.98 -4.32
N ALA B 114 -24.63 6.48 -5.08
CA ALA B 114 -24.77 5.20 -5.81
C ALA B 114 -24.35 3.95 -5.05
N SER B 115 -23.44 4.07 -4.08
CA SER B 115 -23.00 2.92 -3.28
C SER B 115 -23.89 2.69 -2.06
N ALA B 116 -23.61 1.62 -1.30
CA ALA B 116 -24.37 1.28 -0.09
C ALA B 116 -24.15 2.23 1.09
N ILE B 117 -23.12 3.08 1.01
CA ILE B 117 -22.87 4.12 2.03
C ILE B 117 -24.04 5.10 2.21
N TRP B 118 -24.95 5.16 1.24
CA TRP B 118 -26.18 5.96 1.37
C TRP B 118 -26.96 5.65 2.65
N GLN B 119 -26.90 4.40 3.11
CA GLN B 119 -27.51 4.00 4.37
C GLN B 119 -26.93 4.80 5.55
N GLN B 120 -25.61 4.98 5.55
CA GLN B 120 -24.92 5.71 6.61
C GLN B 120 -25.16 7.22 6.55
N ALA B 121 -25.32 7.76 5.34
CA ALA B 121 -25.63 9.17 5.14
C ALA B 121 -27.01 9.53 5.62
N ARG B 122 -28.01 8.69 5.31
CA ARG B 122 -29.35 8.82 5.89
C ARG B 122 -29.30 8.80 7.43
N GLU B 123 -28.50 7.89 8.00
CA GLU B 123 -28.32 7.79 9.45
C GLU B 123 -27.71 9.06 10.05
N VAL B 124 -26.68 9.61 9.39
CA VAL B 124 -26.00 10.84 9.80
C VAL B 124 -26.94 12.05 9.70
N VAL B 125 -27.70 12.13 8.60
CA VAL B 125 -28.71 13.18 8.41
C VAL B 125 -29.78 13.12 9.50
N ARG B 126 -30.30 11.93 9.76
CA ARG B 126 -31.25 11.71 10.85
C ARG B 126 -30.65 12.07 12.22
N PHE B 127 -29.38 11.72 12.43
CA PHE B 127 -28.70 11.96 13.71
C PHE B 127 -28.48 13.45 14.04
N ASN B 128 -28.35 14.28 13.01
CA ASN B 128 -28.23 15.74 13.18
C ASN B 128 -29.57 16.47 13.08
N GLY B 129 -30.68 15.73 12.99
CA GLY B 129 -32.02 16.30 12.92
C GLY B 129 -32.36 17.05 11.65
N LEU B 130 -31.78 16.62 10.52
CA LEU B 130 -31.91 17.32 9.24
C LEU B 130 -32.69 16.53 8.17
N GLU B 131 -33.48 15.57 8.61
CA GLU B 131 -34.28 14.73 7.69
C GLU B 131 -35.35 15.51 6.92
N ASP B 132 -35.84 16.62 7.50
CA ASP B 132 -36.85 17.46 6.85
C ASP B 132 -36.26 18.32 5.72
N ARG B 133 -34.96 18.58 5.77
CA ARG B 133 -34.26 19.41 4.78
C ARG B 133 -33.31 18.65 3.86
N VAL B 134 -32.65 17.61 4.39
CA VAL B 134 -31.73 16.79 3.60
C VAL B 134 -32.36 15.43 3.36
N HIS B 135 -32.52 15.06 2.09
CA HIS B 135 -33.10 13.78 1.68
C HIS B 135 -32.07 12.99 0.89
N VAL B 136 -31.74 11.78 1.35
CA VAL B 136 -30.74 10.93 0.69
C VAL B 136 -31.42 9.99 -0.28
N LEU B 137 -30.96 9.97 -1.53
CA LEU B 137 -31.55 9.15 -2.59
C LEU B 137 -30.52 8.12 -3.08
N PRO B 138 -30.87 6.82 -3.09
CA PRO B 138 -29.93 5.82 -3.58
C PRO B 138 -29.86 5.77 -5.11
N GLY B 139 -28.80 5.15 -5.61
CA GLY B 139 -28.65 4.90 -7.05
C GLY B 139 -27.84 5.96 -7.78
N PRO B 140 -27.42 5.65 -9.03
CA PRO B 140 -26.66 6.63 -9.82
C PRO B 140 -27.45 7.89 -10.16
N VAL B 141 -26.73 9.00 -10.30
CA VAL B 141 -27.36 10.30 -10.61
C VAL B 141 -27.91 10.36 -12.04
N GLU B 142 -27.44 9.46 -12.90
CA GLU B 142 -27.94 9.33 -14.26
C GLU B 142 -29.41 8.91 -14.27
N THR B 143 -29.77 7.93 -13.43
CA THR B 143 -31.12 7.37 -13.38
C THR B 143 -32.04 8.00 -12.32
N VAL B 144 -31.52 8.90 -11.49
CA VAL B 144 -32.30 9.46 -10.37
C VAL B 144 -33.40 10.37 -10.87
N GLU B 145 -34.53 10.34 -10.18
CA GLU B 145 -35.66 11.21 -10.49
C GLU B 145 -35.97 12.10 -9.31
N LEU B 146 -35.64 13.39 -9.44
CA LEU B 146 -35.97 14.40 -8.44
C LEU B 146 -37.35 14.95 -8.74
N PRO B 147 -38.00 15.61 -7.76
CA PRO B 147 -39.28 16.27 -8.03
C PRO B 147 -39.20 17.65 -8.71
N GLU B 148 -38.01 18.18 -8.91
CA GLU B 148 -37.83 19.57 -9.33
C GLU B 148 -36.42 19.84 -9.85
N GLN B 149 -36.26 20.92 -10.61
CA GLN B 149 -34.93 21.42 -10.95
C GLN B 149 -34.31 21.97 -9.67
N VAL B 150 -32.99 22.13 -9.67
CA VAL B 150 -32.26 22.66 -8.51
C VAL B 150 -31.57 24.00 -8.80
N ASP B 151 -31.39 24.78 -7.76
CA ASP B 151 -30.72 26.08 -7.84
C ASP B 151 -29.19 25.96 -7.89
N ALA B 152 -28.65 24.89 -7.32
CA ALA B 152 -27.20 24.69 -7.26
C ALA B 152 -26.82 23.22 -7.20
N ILE B 153 -25.65 22.89 -7.76
CA ILE B 153 -25.07 21.54 -7.66
C ILE B 153 -23.72 21.63 -6.95
N VAL B 154 -23.49 20.70 -6.02
CA VAL B 154 -22.19 20.52 -5.39
C VAL B 154 -21.75 19.07 -5.56
N SER B 155 -20.45 18.87 -5.78
CA SER B 155 -19.89 17.55 -5.94
C SER B 155 -18.39 17.55 -5.73
N GLU B 156 -17.89 16.50 -5.09
CA GLU B 156 -16.47 16.24 -5.01
C GLU B 156 -16.20 15.05 -5.93
N TRP B 157 -15.87 15.38 -7.17
CA TRP B 157 -15.79 14.42 -8.26
C TRP B 157 -14.36 14.14 -8.70
N MET B 158 -13.40 14.89 -8.17
CA MET B 158 -12.02 14.83 -8.65
C MET B 158 -11.35 13.55 -8.20
N GLY B 159 -10.78 12.82 -9.15
CA GLY B 159 -9.93 11.68 -8.84
C GLY B 159 -8.48 12.05 -8.96
N TYR B 160 -7.62 11.03 -8.93
CA TYR B 160 -6.20 11.23 -9.18
C TYR B 160 -6.02 11.76 -10.61
N GLY B 161 -5.10 12.70 -10.78
CA GLY B 161 -4.92 13.42 -12.04
C GLY B 161 -6.19 14.12 -12.49
N LEU B 162 -7.02 14.52 -11.53
CA LEU B 162 -8.37 15.06 -11.74
C LEU B 162 -9.40 14.07 -12.28
N LEU B 163 -9.09 13.38 -13.38
CA LEU B 163 -10.08 12.64 -14.19
C LEU B 163 -10.07 11.12 -14.02
N HIS B 164 -9.23 10.58 -13.14
CA HIS B 164 -9.36 9.17 -12.74
C HIS B 164 -10.73 8.97 -12.08
N GLU B 165 -11.33 7.81 -12.33
CA GLU B 165 -12.74 7.51 -11.98
C GLU B 165 -13.79 8.00 -12.98
N SER B 166 -13.46 9.03 -13.77
CA SER B 166 -14.38 9.60 -14.79
C SER B 166 -15.73 10.04 -14.20
N MET B 167 -15.69 10.64 -13.01
CA MET B 167 -16.90 11.09 -12.35
C MET B 167 -17.45 12.40 -12.94
N LEU B 168 -16.63 13.16 -13.66
CA LEU B 168 -17.06 14.45 -14.18
C LEU B 168 -18.26 14.40 -15.13
N SER B 169 -18.38 13.34 -15.93
CA SER B 169 -19.49 13.26 -16.89
C SER B 169 -20.84 13.08 -16.20
N SER B 170 -20.86 12.39 -15.06
CA SER B 170 -22.05 12.31 -14.20
C SER B 170 -22.48 13.68 -13.69
N VAL B 171 -21.52 14.47 -13.25
CA VAL B 171 -21.78 15.81 -12.71
C VAL B 171 -22.32 16.73 -13.81
N LEU B 172 -21.73 16.64 -14.99
CA LEU B 172 -22.16 17.44 -16.14
C LEU B 172 -23.51 16.97 -16.68
N HIS B 173 -23.71 15.65 -16.73
CA HIS B 173 -25.01 15.08 -17.08
C HIS B 173 -26.11 15.58 -16.14
N ALA B 174 -25.81 15.64 -14.85
CA ALA B 174 -26.76 16.16 -13.85
C ALA B 174 -26.98 17.68 -13.94
N ARG B 175 -25.96 18.45 -14.31
CA ARG B 175 -26.08 19.90 -14.53
C ARG B 175 -27.10 20.18 -15.64
N THR B 176 -26.91 19.53 -16.78
CA THR B 176 -27.73 19.74 -17.95
C THR B 176 -29.19 19.36 -17.69
N LYS B 177 -29.39 18.26 -16.97
CA LYS B 177 -30.74 17.78 -16.66
C LYS B 177 -31.42 18.56 -15.53
N TRP B 178 -30.73 18.78 -14.42
CA TRP B 178 -31.36 19.27 -13.19
C TRP B 178 -31.06 20.72 -12.78
N LEU B 179 -29.93 21.27 -13.19
CA LEU B 179 -29.59 22.65 -12.79
C LEU B 179 -30.36 23.68 -13.60
N LYS B 180 -30.95 24.66 -12.89
CA LYS B 180 -31.64 25.78 -13.52
C LYS B 180 -30.66 26.68 -14.27
N GLU B 181 -31.19 27.48 -15.20
CA GLU B 181 -30.37 28.42 -15.99
C GLU B 181 -29.64 29.42 -15.10
N GLY B 182 -28.30 29.45 -15.22
CA GLY B 182 -27.45 30.30 -14.37
C GLY B 182 -27.46 29.89 -12.91
N GLY B 183 -27.50 28.58 -12.67
CA GLY B 183 -27.44 28.03 -11.32
C GLY B 183 -25.99 27.84 -10.89
N LEU B 184 -25.79 27.68 -9.59
CA LEU B 184 -24.44 27.61 -9.03
C LEU B 184 -23.86 26.18 -9.08
N LEU B 185 -22.68 26.05 -9.69
CA LEU B 185 -21.87 24.82 -9.60
C LEU B 185 -20.74 25.06 -8.61
N LEU B 186 -20.51 24.09 -7.72
CA LEU B 186 -19.43 24.14 -6.73
C LEU B 186 -18.64 22.83 -6.69
N PRO B 187 -17.34 22.83 -7.02
CA PRO B 187 -16.61 23.97 -7.56
C PRO B 187 -17.05 24.31 -9.00
N ALA B 188 -16.77 25.54 -9.42
CA ALA B 188 -17.21 26.06 -10.73
C ALA B 188 -16.23 25.80 -11.87
N SER B 189 -14.97 25.51 -11.57
CA SER B 189 -13.95 25.32 -12.62
C SER B 189 -12.78 24.45 -12.17
N ALA B 190 -11.95 24.08 -13.14
CA ALA B 190 -10.78 23.23 -12.89
C ALA B 190 -9.64 23.59 -13.83
N GLU B 191 -8.42 23.43 -13.34
CA GLU B 191 -7.22 23.61 -14.17
C GLU B 191 -6.25 22.45 -13.91
N LEU B 192 -5.50 22.08 -14.94
CA LEU B 192 -4.48 21.03 -14.83
C LEU B 192 -3.11 21.62 -15.13
N PHE B 193 -2.10 21.17 -14.40
CA PHE B 193 -0.73 21.67 -14.54
C PHE B 193 0.25 20.53 -14.76
N ILE B 194 1.34 20.83 -15.48
CA ILE B 194 2.42 19.89 -15.72
C ILE B 194 3.76 20.58 -15.49
N VAL B 195 4.76 19.83 -15.03
CA VAL B 195 6.10 20.38 -14.82
C VAL B 195 7.13 19.25 -14.82
N PRO B 196 8.34 19.49 -15.38
CA PRO B 196 9.38 18.46 -15.23
C PRO B 196 9.86 18.35 -13.78
N ILE B 197 10.24 17.15 -13.38
CA ILE B 197 10.63 16.88 -11.99
C ILE B 197 11.93 16.08 -11.86
N SER B 198 12.61 16.31 -10.75
CA SER B 198 13.69 15.44 -10.28
C SER B 198 13.25 14.93 -8.91
N ASP B 199 12.72 13.70 -8.87
CA ASP B 199 12.23 13.05 -7.64
C ASP B 199 13.37 12.50 -6.78
N GLN B 200 13.66 13.19 -5.68
CA GLN B 200 14.76 12.82 -4.76
C GLN B 200 14.54 11.47 -4.08
N MET B 201 13.30 11.12 -3.79
CA MET B 201 12.96 9.81 -3.19
C MET B 201 13.32 8.67 -4.14
N LEU B 202 12.93 8.80 -5.41
CA LEU B 202 13.31 7.84 -6.46
C LEU B 202 14.81 7.79 -6.64
N GLU B 203 15.45 8.95 -6.58
CA GLU B 203 16.90 9.04 -6.71
C GLU B 203 17.62 8.17 -5.67
N TRP B 204 17.14 8.21 -4.42
CA TRP B 204 17.70 7.38 -3.35
C TRP B 204 17.39 5.90 -3.54
N ARG B 205 16.23 5.59 -4.09
CA ARG B 205 15.91 4.21 -4.43
C ARG B 205 16.82 3.64 -5.54
N LEU B 206 17.08 4.44 -6.57
CA LEU B 206 18.03 4.03 -7.63
C LEU B 206 19.47 3.97 -7.10
N GLY B 207 19.84 4.93 -6.26
CA GLY B 207 21.18 4.96 -5.65
C GLY B 207 21.44 3.95 -4.53
N PHE B 208 20.38 3.35 -4.00
CA PHE B 208 20.46 2.34 -2.94
C PHE B 208 21.52 1.27 -3.18
N TRP B 209 21.58 0.78 -4.42
CA TRP B 209 22.44 -0.34 -4.78
C TRP B 209 23.94 -0.02 -4.71
N SER B 210 24.29 1.25 -4.82
CA SER B 210 25.68 1.71 -4.64
C SER B 210 26.10 1.85 -3.17
N GLN B 211 25.12 1.91 -2.27
CA GLN B 211 25.38 2.02 -0.83
C GLN B 211 25.60 0.66 -0.16
N VAL B 212 25.49 -0.42 -0.92
CA VAL B 212 25.41 -1.77 -0.35
C VAL B 212 26.78 -2.23 0.16
N LYS B 213 27.84 -1.90 -0.57
CA LYS B 213 29.21 -2.26 -0.18
C LYS B 213 29.58 -1.72 1.21
N GLN B 214 29.34 -0.42 1.44
CA GLN B 214 29.72 0.22 2.70
C GLN B 214 29.01 -0.32 3.95
N HIS B 215 27.85 -0.96 3.78
CA HIS B 215 27.11 -1.58 4.89
C HIS B 215 27.42 -3.07 5.06
N TYR B 216 27.39 -3.83 3.95
CA TYR B 216 27.49 -5.30 3.99
C TYR B 216 28.73 -5.92 3.33
N GLY B 217 29.62 -5.11 2.76
CA GLY B 217 30.84 -5.63 2.13
C GLY B 217 30.63 -6.42 0.85
N VAL B 218 29.54 -6.14 0.15
CA VAL B 218 29.23 -6.75 -1.15
C VAL B 218 28.84 -5.65 -2.11
N ASP B 219 29.43 -5.67 -3.31
CA ASP B 219 29.26 -4.60 -4.30
C ASP B 219 28.07 -4.93 -5.22
N MET B 220 27.01 -4.12 -5.13
CA MET B 220 25.81 -4.32 -5.94
C MET B 220 25.50 -3.12 -6.83
N SER B 221 26.53 -2.31 -7.09
CA SER B 221 26.46 -1.16 -8.00
C SER B 221 25.97 -1.53 -9.40
N CYS B 222 26.32 -2.74 -9.86
CA CYS B 222 25.93 -3.23 -11.18
C CYS B 222 24.43 -3.38 -11.41
N LEU B 223 23.62 -3.41 -10.35
CA LEU B 223 22.15 -3.47 -10.45
C LEU B 223 21.44 -2.09 -10.57
N GLU B 224 22.18 -1.01 -10.84
CA GLU B 224 21.55 0.30 -11.01
C GLU B 224 20.66 0.35 -12.26
N GLY B 225 21.11 -0.27 -13.35
CA GLY B 225 20.32 -0.39 -14.58
C GLY B 225 19.02 -1.17 -14.39
N PHE B 226 19.13 -2.31 -13.72
CA PHE B 226 17.97 -3.13 -13.41
C PHE B 226 16.89 -2.40 -12.62
N ALA B 227 17.32 -1.70 -11.57
CA ALA B 227 16.41 -0.87 -10.76
C ALA B 227 15.74 0.24 -11.56
N THR B 228 16.48 0.86 -12.47
CA THR B 228 15.95 1.87 -13.37
C THR B 228 14.86 1.29 -14.29
N ARG B 229 15.12 0.12 -14.87
CA ARG B 229 14.11 -0.59 -15.68
C ARG B 229 12.86 -0.99 -14.88
N CYS B 230 13.03 -1.42 -13.63
CA CYS B 230 11.91 -1.75 -12.74
C CYS B 230 11.06 -0.55 -12.33
N LEU B 231 11.70 0.53 -11.91
CA LEU B 231 11.01 1.66 -11.31
C LEU B 231 10.63 2.77 -12.28
N MET B 232 11.39 2.91 -13.36
CA MET B 232 11.13 3.94 -14.36
C MET B 232 10.65 3.38 -15.70
N GLY B 233 10.95 2.11 -16.00
CA GLY B 233 10.63 1.51 -17.30
C GLY B 233 9.18 1.11 -17.53
N HIS B 234 8.43 0.93 -16.44
CA HIS B 234 7.00 0.60 -16.54
C HIS B 234 6.17 1.80 -16.98
N SER B 235 4.93 1.53 -17.37
CA SER B 235 4.03 2.53 -17.92
C SER B 235 2.79 2.75 -17.04
N GLU B 236 3.00 2.86 -15.72
CA GLU B 236 1.93 3.19 -14.77
C GLU B 236 2.06 4.64 -14.28
N ILE B 237 0.94 5.26 -13.98
CA ILE B 237 0.91 6.59 -13.38
C ILE B 237 1.07 6.40 -11.88
N VAL B 238 2.16 6.91 -11.31
CA VAL B 238 2.45 6.78 -9.89
C VAL B 238 1.85 7.97 -9.14
N VAL B 239 1.04 7.67 -8.11
CA VAL B 239 0.44 8.67 -7.25
C VAL B 239 1.29 8.81 -6.00
N GLN B 240 2.12 9.85 -5.95
CA GLN B 240 3.07 10.05 -4.86
C GLN B 240 3.22 11.53 -4.54
N GLY B 241 3.50 11.83 -3.29
CA GLY B 241 3.74 13.20 -2.86
C GLY B 241 5.12 13.63 -3.29
N LEU B 242 5.22 14.84 -3.81
CA LEU B 242 6.50 15.47 -4.10
C LEU B 242 6.68 16.69 -3.23
N SER B 243 7.94 17.06 -3.04
CA SER B 243 8.31 18.35 -2.47
C SER B 243 8.35 19.38 -3.59
N GLY B 244 8.26 20.65 -3.21
CA GLY B 244 8.50 21.76 -4.12
C GLY B 244 9.93 21.86 -4.62
N GLU B 245 10.89 21.34 -3.84
CA GLU B 245 12.29 21.28 -4.27
C GLU B 245 12.56 20.26 -5.38
N ASP B 246 11.64 19.33 -5.60
CA ASP B 246 11.71 18.40 -6.76
C ASP B 246 11.29 19.05 -8.10
N VAL B 247 10.70 20.24 -8.06
CA VAL B 247 10.21 20.92 -9.28
C VAL B 247 11.36 21.63 -10.00
N LEU B 248 11.45 21.41 -11.32
CA LEU B 248 12.58 21.87 -12.13
C LEU B 248 12.29 23.06 -13.05
N ALA B 249 11.04 23.51 -13.13
CA ALA B 249 10.67 24.66 -13.96
C ALA B 249 9.37 25.29 -13.50
N ARG B 250 8.93 26.35 -14.18
CA ARG B 250 7.60 26.92 -13.93
C ARG B 250 6.56 25.87 -14.32
N PRO B 251 5.62 25.56 -13.42
CA PRO B 251 4.50 24.72 -13.82
C PRO B 251 3.68 25.36 -14.92
N GLN B 252 3.34 24.58 -15.94
CA GLN B 252 2.58 25.04 -17.08
C GLN B 252 1.18 24.48 -17.01
N ARG B 253 0.18 25.35 -17.15
CA ARG B 253 -1.21 24.91 -17.26
C ARG B 253 -1.44 24.36 -18.66
N PHE B 254 -1.93 23.13 -18.76
CA PHE B 254 -2.22 22.52 -20.06
C PHE B 254 -3.72 22.27 -20.30
N ALA B 255 -4.57 22.52 -19.30
CA ALA B 255 -6.03 22.40 -19.48
C ALA B 255 -6.79 23.30 -18.52
N GLN B 256 -7.96 23.73 -18.96
CA GLN B 256 -8.80 24.64 -18.22
C GLN B 256 -10.24 24.23 -18.46
N LEU B 257 -10.91 23.73 -17.43
CA LEU B 257 -12.26 23.19 -17.57
C LEU B 257 -13.27 24.09 -16.88
N GLU B 258 -14.05 24.82 -17.69
CA GLU B 258 -15.12 25.66 -17.18
C GLU B 258 -16.36 24.79 -17.22
N LEU B 259 -16.83 24.38 -16.05
CA LEU B 259 -17.82 23.32 -15.94
C LEU B 259 -19.22 23.71 -16.41
N SER B 260 -19.53 25.01 -16.42
CA SER B 260 -20.80 25.50 -16.96
C SER B 260 -20.90 25.33 -18.47
N ARG B 261 -19.77 25.35 -19.17
CA ARG B 261 -19.74 25.37 -20.64
C ARG B 261 -20.37 24.11 -21.24
N ALA B 262 -21.42 24.29 -22.04
CA ALA B 262 -22.12 23.20 -22.71
C ALA B 262 -21.23 22.58 -23.78
N GLY B 263 -21.28 21.25 -23.89
CA GLY B 263 -20.42 20.51 -24.82
C GLY B 263 -19.13 20.00 -24.21
N LEU B 264 -18.83 20.40 -22.96
CA LEU B 264 -17.67 19.89 -22.23
C LEU B 264 -17.72 18.37 -22.03
N GLU B 265 -18.93 17.81 -21.90
CA GLU B 265 -19.11 16.34 -21.80
C GLU B 265 -18.48 15.61 -22.98
N GLN B 266 -18.73 16.12 -24.19
CA GLN B 266 -18.24 15.49 -25.42
C GLN B 266 -16.72 15.56 -25.58
N GLU B 267 -16.13 16.63 -25.07
CA GLU B 267 -14.67 16.84 -25.15
C GLU B 267 -13.85 15.89 -24.27
N LEU B 268 -14.45 15.36 -23.20
CA LEU B 268 -13.76 14.42 -22.31
C LEU B 268 -13.43 13.08 -22.97
N GLU B 269 -14.30 12.65 -23.89
CA GLU B 269 -14.07 11.41 -24.66
C GLU B 269 -12.88 11.57 -25.63
N ALA B 270 -12.86 12.68 -26.37
CA ALA B 270 -11.75 13.01 -27.27
C ALA B 270 -10.42 13.29 -26.56
N GLY B 271 -10.47 13.71 -25.29
CA GLY B 271 -9.29 13.91 -24.46
C GLY B 271 -9.14 15.35 -23.99
N VAL B 272 -8.45 15.51 -22.86
CA VAL B 272 -8.16 16.81 -22.27
C VAL B 272 -6.65 17.07 -22.33
N GLY B 273 -6.25 18.25 -22.77
CA GLY B 273 -4.86 18.67 -22.75
C GLY B 273 -4.42 19.48 -23.96
N GLY B 274 -3.17 19.28 -24.36
CA GLY B 274 -2.53 20.06 -25.42
C GLY B 274 -1.05 20.23 -25.11
N ARG B 275 -0.41 21.15 -25.80
CA ARG B 275 1.03 21.34 -25.68
C ARG B 275 1.46 22.09 -24.41
N PHE B 276 2.73 21.91 -24.06
CA PHE B 276 3.37 22.64 -22.96
C PHE B 276 4.80 22.95 -23.35
N ARG B 277 5.40 23.90 -22.64
CA ARG B 277 6.83 24.21 -22.83
C ARG B 277 7.36 24.98 -21.63
N CYS B 278 8.63 24.77 -21.32
CA CYS B 278 9.27 25.46 -20.20
C CYS B 278 10.77 25.28 -20.24
N SER B 279 11.50 26.17 -19.56
CA SER B 279 12.94 26.04 -19.41
C SER B 279 13.29 25.74 -17.96
N CYS B 280 14.28 24.87 -17.77
CA CYS B 280 14.65 24.38 -16.44
C CYS B 280 15.45 25.41 -15.64
N TYR B 281 15.34 25.34 -14.32
CA TYR B 281 16.03 26.25 -13.41
C TYR B 281 17.52 26.01 -13.25
N GLY B 282 17.96 24.76 -13.39
CA GLY B 282 19.35 24.41 -13.09
C GLY B 282 19.72 22.99 -13.40
N SER B 283 20.82 22.53 -12.80
CA SER B 283 21.34 21.18 -13.03
C SER B 283 20.60 20.18 -12.17
N ALA B 284 20.17 19.08 -12.79
CA ALA B 284 19.51 17.98 -12.08
C ALA B 284 19.29 16.82 -13.04
N PRO B 285 19.12 15.60 -12.49
CA PRO B 285 18.62 14.48 -13.28
C PRO B 285 17.10 14.50 -13.34
N MET B 286 16.55 14.78 -14.52
CA MET B 286 15.11 14.81 -14.73
C MET B 286 14.61 13.37 -14.82
N HIS B 287 13.64 13.04 -13.98
CA HIS B 287 13.04 11.70 -13.98
C HIS B 287 11.73 11.62 -14.76
N GLY B 288 11.09 12.76 -15.00
CA GLY B 288 9.83 12.82 -15.71
C GLY B 288 9.03 14.06 -15.41
N PHE B 289 7.71 13.90 -15.34
CA PHE B 289 6.80 14.99 -15.11
C PHE B 289 5.86 14.67 -13.97
N ALA B 290 5.43 15.72 -13.24
CA ALA B 290 4.33 15.61 -12.30
C ALA B 290 3.16 16.36 -12.88
N ILE B 291 1.95 15.89 -12.58
CA ILE B 291 0.76 16.66 -12.88
C ILE B 291 -0.11 16.80 -11.63
N TRP B 292 -0.77 17.94 -11.53
CA TRP B 292 -1.70 18.19 -10.46
C TRP B 292 -2.81 19.08 -10.95
N PHE B 293 -3.82 19.26 -10.13
CA PHE B 293 -4.93 20.09 -10.50
C PHE B 293 -5.25 21.13 -9.44
N GLN B 294 -6.20 21.99 -9.79
CA GLN B 294 -6.88 22.83 -8.82
C GLN B 294 -8.33 22.97 -9.23
N VAL B 295 -9.17 23.40 -8.30
CA VAL B 295 -10.56 23.71 -8.57
C VAL B 295 -10.91 24.99 -7.83
N THR B 296 -11.80 25.80 -8.42
CA THR B 296 -12.16 27.11 -7.88
C THR B 296 -13.63 27.17 -7.46
N PHE B 297 -13.88 27.65 -6.24
CA PHE B 297 -15.21 28.01 -5.79
C PHE B 297 -15.37 29.52 -5.94
N PRO B 298 -16.53 29.99 -6.43
CA PRO B 298 -16.80 31.44 -6.44
C PRO B 298 -17.04 32.05 -5.06
N GLY B 299 -16.96 33.39 -4.96
CA GLY B 299 -17.26 34.14 -3.72
C GLY B 299 -18.71 34.63 -3.69
N GLY B 300 -18.94 35.77 -3.05
CA GLY B 300 -20.28 36.37 -2.97
C GLY B 300 -20.29 37.83 -2.57
N GLU B 303 -16.84 38.88 -0.61
CA GLU B 303 -15.90 37.78 -0.54
C GLU B 303 -15.10 37.59 -1.84
N LYS B 304 -14.14 36.66 -1.81
CA LYS B 304 -13.29 36.32 -2.96
C LYS B 304 -13.29 34.81 -3.26
N PRO B 305 -12.75 34.40 -4.44
CA PRO B 305 -12.79 32.97 -4.79
C PRO B 305 -11.85 32.11 -3.94
N LEU B 306 -12.27 30.88 -3.67
CA LEU B 306 -11.47 29.93 -2.93
C LEU B 306 -10.91 28.89 -3.90
N VAL B 307 -9.59 28.70 -3.86
CA VAL B 307 -8.91 27.69 -4.67
C VAL B 307 -8.50 26.52 -3.78
N LEU B 308 -8.81 25.30 -4.23
CA LEU B 308 -8.33 24.07 -3.63
C LEU B 308 -7.27 23.53 -4.57
N SER B 309 -6.02 23.50 -4.12
CA SER B 309 -4.90 23.07 -4.96
C SER B 309 -4.28 21.77 -4.48
N THR B 310 -3.70 21.03 -5.41
CA THR B 310 -2.93 19.82 -5.12
C THR B 310 -1.49 19.99 -5.61
N SER B 311 -1.06 21.24 -5.71
CA SER B 311 0.32 21.57 -6.08
C SER B 311 1.29 21.15 -4.97
N PRO B 312 2.53 20.77 -5.33
CA PRO B 312 3.54 20.49 -4.30
C PRO B 312 4.05 21.75 -3.57
N PHE B 313 3.69 22.94 -4.05
CA PHE B 313 3.95 24.19 -3.36
C PHE B 313 2.90 24.54 -2.31
N HIS B 314 1.89 23.67 -2.16
CA HIS B 314 0.83 23.85 -1.19
C HIS B 314 0.73 22.65 -0.27
N PRO B 315 -0.01 22.79 0.84
CA PRO B 315 -0.14 21.67 1.78
C PRO B 315 -0.72 20.43 1.13
N ALA B 316 -0.20 19.28 1.54
CA ALA B 316 -0.54 18.01 0.91
C ALA B 316 -2.02 17.66 1.04
N THR B 317 -2.50 16.88 0.09
CA THR B 317 -3.85 16.30 0.09
C THR B 317 -3.73 14.81 -0.17
N HIS B 318 -4.86 14.11 -0.07
CA HIS B 318 -4.91 12.69 -0.36
C HIS B 318 -4.75 12.39 -1.86
N TRP B 319 -4.98 13.39 -2.70
CA TRP B 319 -4.69 13.28 -4.14
C TRP B 319 -3.21 13.22 -4.49
N LYS B 320 -2.37 13.85 -3.65
CA LYS B 320 -0.91 13.86 -3.84
C LYS B 320 -0.59 14.45 -5.23
N GLN B 321 0.38 13.87 -5.96
CA GLN B 321 0.60 14.23 -7.36
C GLN B 321 0.69 12.98 -8.21
N ALA B 322 0.35 13.13 -9.49
CA ALA B 322 0.46 12.03 -10.46
C ALA B 322 1.77 12.19 -11.19
N LEU B 323 2.63 11.19 -11.07
CA LEU B 323 4.00 11.22 -11.59
C LEU B 323 4.09 10.36 -12.84
N LEU B 324 4.76 10.89 -13.85
CA LEU B 324 4.92 10.26 -15.14
C LEU B 324 6.42 10.15 -15.39
N TYR B 325 6.98 8.98 -15.11
CA TYR B 325 8.42 8.76 -15.19
C TYR B 325 8.84 8.43 -16.61
N LEU B 326 9.99 8.99 -17.03
CA LEU B 326 10.64 8.58 -18.29
C LEU B 326 11.22 7.18 -18.12
N ASN B 327 11.65 6.54 -19.20
CA ASN B 327 12.23 5.18 -19.10
C ASN B 327 13.57 5.16 -18.35
N GLU B 328 14.40 6.17 -18.59
CA GLU B 328 15.59 6.43 -17.79
C GLU B 328 15.73 7.92 -17.49
N PRO B 329 16.54 8.30 -16.49
CA PRO B 329 16.75 9.73 -16.24
C PRO B 329 17.48 10.44 -17.37
N VAL B 330 17.30 11.75 -17.45
CA VAL B 330 17.97 12.58 -18.44
C VAL B 330 18.54 13.79 -17.71
N GLN B 331 19.80 14.10 -17.96
CA GLN B 331 20.43 15.28 -17.36
C GLN B 331 19.94 16.54 -18.07
N VAL B 332 19.49 17.53 -17.30
CA VAL B 332 19.15 18.86 -17.82
C VAL B 332 19.99 19.90 -17.09
N GLU B 333 20.13 21.06 -17.71
CA GLU B 333 20.90 22.18 -17.19
C GLU B 333 20.02 23.41 -17.09
N GLN B 334 20.54 24.48 -16.50
CA GLN B 334 19.86 25.77 -16.46
C GLN B 334 19.52 26.18 -17.90
N ASP B 335 18.25 26.53 -18.13
CA ASP B 335 17.74 26.93 -19.45
C ASP B 335 17.64 25.82 -20.52
N THR B 336 17.71 24.55 -20.12
CA THR B 336 17.32 23.44 -20.99
C THR B 336 15.83 23.53 -21.26
N ASP B 337 15.48 23.67 -22.53
CA ASP B 337 14.08 23.83 -22.94
C ASP B 337 13.44 22.47 -23.05
N VAL B 338 12.39 22.26 -22.27
CA VAL B 338 11.57 21.05 -22.33
C VAL B 338 10.21 21.44 -22.89
N SER B 339 9.72 20.65 -23.84
CA SER B 339 8.43 20.93 -24.47
C SER B 339 7.75 19.64 -24.88
N GLY B 340 6.46 19.70 -25.11
CA GLY B 340 5.75 18.50 -25.50
C GLY B 340 4.25 18.61 -25.58
N GLU B 341 3.63 17.44 -25.53
CA GLU B 341 2.22 17.28 -25.80
C GLU B 341 1.69 16.29 -24.76
N ILE B 342 0.51 16.55 -24.21
CA ILE B 342 -0.08 15.65 -23.22
C ILE B 342 -1.57 15.57 -23.40
N THR B 343 -2.12 14.36 -23.26
CA THR B 343 -3.56 14.12 -23.39
C THR B 343 -4.02 13.20 -22.26
N LEU B 344 -5.07 13.60 -21.55
CA LEU B 344 -5.72 12.78 -20.51
C LEU B 344 -7.04 12.24 -21.06
N LEU B 345 -7.23 10.93 -21.00
CA LEU B 345 -8.46 10.30 -21.50
C LEU B 345 -8.71 8.95 -20.83
N PRO B 346 -9.93 8.41 -20.92
CA PRO B 346 -10.21 7.11 -20.32
C PRO B 346 -9.66 5.94 -21.13
N SER B 347 -9.36 4.83 -20.45
CA SER B 347 -8.88 3.61 -21.10
C SER B 347 -9.95 2.94 -21.97
N ARG B 348 -9.50 2.09 -22.89
CA ARG B 348 -10.40 1.26 -23.70
C ARG B 348 -11.05 0.16 -22.86
N ASP B 349 -10.27 -0.54 -22.05
CA ASP B 349 -10.77 -1.64 -21.21
C ASP B 349 -11.73 -1.15 -20.13
N ASN B 350 -11.25 -0.25 -19.27
CA ASN B 350 -12.04 0.31 -18.17
C ASN B 350 -12.22 1.84 -18.33
N PRO B 351 -13.43 2.30 -18.71
CA PRO B 351 -13.67 3.75 -18.87
C PRO B 351 -13.38 4.62 -17.63
N ARG B 352 -13.51 4.06 -16.43
CA ARG B 352 -13.15 4.77 -15.19
C ARG B 352 -11.65 4.94 -14.96
N ARG B 353 -10.83 4.07 -15.54
CA ARG B 353 -9.37 4.16 -15.43
C ARG B 353 -8.81 5.27 -16.35
N LEU B 354 -7.79 5.97 -15.86
CA LEU B 354 -7.26 7.16 -16.53
C LEU B 354 -6.08 6.75 -17.39
N ARG B 355 -6.00 7.35 -18.57
CA ARG B 355 -4.94 7.11 -19.51
C ARG B 355 -4.26 8.44 -19.83
N VAL B 356 -2.93 8.43 -19.97
CA VAL B 356 -2.16 9.64 -20.28
C VAL B 356 -1.24 9.37 -21.47
N LEU B 357 -1.46 10.06 -22.58
CA LEU B 357 -0.55 10.01 -23.73
C LEU B 357 0.37 11.21 -23.65
N LEU B 358 1.68 10.94 -23.56
CA LEU B 358 2.70 11.98 -23.49
C LEU B 358 3.62 11.89 -24.69
N ARG B 359 3.91 13.03 -25.32
CA ARG B 359 5.03 13.18 -26.25
C ARG B 359 5.88 14.32 -25.73
N TYR B 360 7.20 14.16 -25.74
CA TYR B 360 8.07 15.16 -25.15
C TYR B 360 9.43 15.26 -25.86
N LYS B 361 10.02 16.44 -25.76
CA LYS B 361 11.32 16.75 -26.32
C LYS B 361 12.17 17.42 -25.24
N VAL B 362 13.28 16.79 -24.86
CA VAL B 362 14.20 17.37 -23.86
C VAL B 362 15.39 18.03 -24.57
N GLY B 363 15.32 19.36 -24.68
CA GLY B 363 16.39 20.16 -25.29
C GLY B 363 16.75 19.74 -26.70
N ASP B 364 17.99 19.27 -26.86
CA ASP B 364 18.51 18.84 -28.16
C ASP B 364 17.91 17.52 -28.64
N GLN B 365 17.55 16.64 -27.70
CA GLN B 365 17.14 15.26 -28.01
C GLN B 365 15.97 15.17 -28.98
N GLU B 366 15.84 14.00 -29.60
CA GLU B 366 14.71 13.69 -30.46
C GLU B 366 13.43 13.57 -29.63
N GLU B 367 12.29 13.79 -30.27
CA GLU B 367 11.01 13.71 -29.59
C GLU B 367 10.73 12.25 -29.23
N LYS B 368 10.40 12.00 -27.97
CA LYS B 368 10.06 10.65 -27.48
C LYS B 368 8.57 10.58 -27.10
N THR B 369 8.06 9.35 -26.96
CA THR B 369 6.63 9.09 -26.69
C THR B 369 6.51 8.11 -25.51
N LYS B 370 5.45 8.21 -24.72
CA LYS B 370 5.10 7.18 -23.73
C LYS B 370 3.63 7.25 -23.30
N ASP B 371 3.01 6.07 -23.19
CA ASP B 371 1.60 5.93 -22.89
C ASP B 371 1.49 5.32 -21.48
N PHE B 372 0.75 6.00 -20.60
CA PHE B 372 0.60 5.61 -19.20
C PHE B 372 -0.83 5.22 -18.88
N ALA B 373 -0.99 4.48 -17.79
CA ALA B 373 -2.30 4.14 -17.24
C ALA B 373 -2.21 4.09 -15.73
N MET B 374 -3.25 4.58 -15.04
CA MET B 374 -3.23 4.68 -13.57
C MET B 374 -3.03 3.32 -12.90
N GLU B 375 -2.10 3.30 -11.93
CA GLU B 375 -1.73 2.12 -11.12
C GLU B 375 -2.76 0.98 -11.04
N SAH C . 18.11 -14.88 0.13
CA SAH C . 17.61 -13.68 -0.61
CB SAH C . 16.13 -13.79 -1.00
CG SAH C . 15.20 -14.27 0.10
SD SAH C . 13.54 -14.24 -0.49
C SAH C . 17.83 -12.42 0.18
O SAH C . 17.74 -11.31 -0.35
OXT SAH C . 18.13 -12.48 1.38
C5' SAH C . 13.23 -15.93 -0.96
C4' SAH C . 13.66 -16.28 -2.38
O4' SAH C . 13.51 -17.67 -2.61
C3' SAH C . 12.85 -15.61 -3.50
O3' SAH C . 13.73 -14.78 -4.29
C2' SAH C . 12.24 -16.73 -4.34
O2' SAH C . 12.33 -16.49 -5.75
C1' SAH C . 13.05 -17.94 -3.93
N9 SAH C . 12.32 -19.23 -3.90
C8 SAH C . 11.14 -19.49 -3.32
N7 SAH C . 10.79 -20.79 -3.45
C5 SAH C . 11.79 -21.38 -4.11
C6 SAH C . 12.09 -22.76 -4.59
N6 SAH C . 11.22 -23.75 -4.37
N1 SAH C . 13.26 -22.96 -5.25
C2 SAH C . 14.16 -21.96 -5.48
N3 SAH C . 13.95 -20.69 -5.07
C4 SAH C . 12.81 -20.35 -4.40
C4 5L6 D . 4.36 -11.39 0.45
C5 5L6 D . 5.30 -10.42 0.74
C6 5L6 D . 5.98 -12.54 -0.89
N1 5L6 D . 9.88 -11.30 2.85
C7 5L6 D . 6.92 -11.57 -0.60
C8 5L6 D . 6.59 -10.50 0.24
N2 5L6 D . 11.93 -14.47 2.77
C9 5L6 D . 7.62 -9.51 0.64
C10 5L6 D . 7.42 -8.14 0.59
C11 5L6 D . 9.49 -8.48 1.41
C12 5L6 D . 8.98 -9.75 1.17
C13 5L6 D . 9.70 -11.04 1.41
C14 5L6 D . 8.59 -11.51 3.53
C15 5L6 D . 10.94 -12.25 3.25
C16 5L6 D . 10.77 -13.60 2.58
N 5L6 D . 8.56 -7.54 1.05
C3 5L6 D . 4.70 -12.45 -0.37
O 5L6 D . 3.66 -13.34 -0.56
C1 5L6 D . 3.53 -14.03 -1.84
C2 5L6 D . 3.29 -13.01 -2.91
C 5L6 D . 2.40 -15.02 -1.71
CL CL E . 14.50 -20.33 17.54
UNK UNX F . 29.94 -31.83 6.48
N SAH G . -18.76 14.04 -0.93
CA SAH G . -18.39 12.79 -0.20
CB SAH G . -17.84 11.67 -1.09
CG SAH G . -17.19 12.10 -2.42
SD SAH G . -16.45 10.69 -3.18
C SAH G . -17.42 13.11 0.90
O SAH G . -16.80 14.17 0.89
OXT SAH G . -17.26 12.31 1.85
C5' SAH G . -17.55 10.36 -4.54
C4' SAH G . -18.89 9.74 -4.13
O4' SAH G . -19.77 9.75 -5.25
C3' SAH G . -18.80 8.28 -3.70
O3' SAH G . -19.53 8.04 -2.49
C2' SAH G . -19.34 7.48 -4.89
O2' SAH G . -19.96 6.25 -4.47
C1' SAH G . -20.35 8.46 -5.47
N9 SAH G . -20.63 8.38 -6.91
C8 SAH G . -19.75 8.22 -7.92
N7 SAH G . -20.40 8.24 -9.11
C5 SAH G . -21.70 8.42 -8.86
C6 SAH G . -22.94 8.54 -9.67
N6 SAH G . -22.90 8.46 -11.01
N1 SAH G . -24.11 8.73 -9.00
C2 SAH G . -24.18 8.81 -7.66
N3 SAH G . -23.08 8.71 -6.87
C4 SAH G . -21.85 8.52 -7.41
C4 5L6 H . -9.40 5.34 -6.78
C5 5L6 H . -9.07 5.90 -5.57
C6 5L6 H . -11.69 5.11 -6.03
N1 5L6 H . -10.67 10.28 -3.82
C7 5L6 H . -11.33 5.68 -4.82
C8 5L6 H . -10.03 6.10 -4.57
N2 5L6 H . -13.60 12.20 -5.23
C9 5L6 H . -9.69 6.80 -3.32
C10 5L6 H . -8.79 6.36 -2.37
C11 5L6 H . -9.64 8.28 -1.61
C12 5L6 H . -10.25 8.07 -2.83
C13 5L6 H . -11.26 8.98 -3.49
C14 5L6 H . -9.62 10.15 -4.86
C15 5L6 H . -11.58 11.41 -4.03
C16 5L6 H . -12.77 11.06 -4.91
N 5L6 H . -8.77 7.26 -1.35
C3 5L6 H . -10.72 4.96 -7.02
O 5L6 H . -11.20 4.54 -8.24
C1 5L6 H . -10.85 3.24 -8.75
C2 5L6 H . -11.73 2.24 -8.06
C 5L6 H . -11.05 3.32 -10.25
CL CL I . -9.80 26.48 -11.34
CL CL J . -22.37 -0.64 -3.29
CL CL K . -32.95 11.09 4.22
CL CL L . 10.54 7.90 -22.01
UNK UNX M . -1.03 19.70 -2.38
UNK UNX N . -28.12 -0.34 -0.51
UNK UNX O . -21.35 16.79 -25.47
UNK UNX P . -0.26 25.24 -9.41
UNK UNX Q . -5.02 17.68 3.75
UNK UNX R . 10.53 27.71 -16.12
UNK UNX S . -3.14 16.07 -7.56
UNK UNX T . -17.83 11.00 2.76
#